data_5Y9O
#
_entry.id   5Y9O
#
_cell.length_a   93.608
_cell.length_b   95.976
_cell.length_c   106.635
_cell.angle_alpha   90.00
_cell.angle_beta   90.00
_cell.angle_gamma   90.00
#
_symmetry.space_group_name_H-M   'P 21 21 2'
#
loop_
_entity.id
_entity.type
_entity.pdbx_description
1 polymer WipA
2 non-polymer 'IODIDE ION'
3 water water
#
_entity_poly.entity_id   1
_entity_poly.type   'polypeptide(L)'
_entity_poly.pdbx_seq_one_letter_code
;GPMPKRLINKNIDIYNYPNEFEDNLGSISLGDLHGNAIKLIHFLFRHKIIKFKTEIINFHEAYQQFVTIYEQYDDMVQEY
LEIRTLLQLIQIKITNAQQRILDIEQKLSLATDHQKEFSQSLLQLKKPIEANLQMAEKSKAGLEEKLSGLKTRLPSCIER
FNKFMTQIEINDIKTLIRLLGDEVADRGSCDYFTLRILDFLYQNQIAIKIILSNHGYEFIHAYEKLVVGQPFKPKGYIGD
IQIKSFWGLQLLLEQSVITEEELRSLVERAYKPTLKIIDYSLSEDGITLYSHAPIRFDSIRMAASQLGVTYNDSTKEALA
ETIDQLNAQLQIYMKNNMLHLLFENNEINDPTNMTDEERNASPLIYLVWNRWNESKEVENARPGKYNGYFVTYVHGHDPF
QSPLTYVYNLDT
;
_entity_poly.pdbx_strand_id   A,B
#
# COMPACT_ATOMS: atom_id res chain seq x y z
N ILE A 12 -17.88 -14.55 37.95
CA ILE A 12 -16.97 -14.31 39.06
C ILE A 12 -16.35 -12.93 38.96
N ASP A 13 -15.97 -12.37 40.11
CA ASP A 13 -15.35 -11.06 40.20
C ASP A 13 -13.84 -11.25 40.36
N ILE A 14 -13.08 -10.99 39.29
CA ILE A 14 -11.64 -11.21 39.32
C ILE A 14 -10.88 -10.06 39.98
N TYR A 15 -11.54 -8.95 40.27
CA TYR A 15 -10.88 -7.79 40.83
C TYR A 15 -10.87 -7.77 42.35
N ASN A 16 -11.37 -8.83 42.99
CA ASN A 16 -11.28 -9.00 44.42
C ASN A 16 -10.73 -10.38 44.70
N TYR A 17 -10.06 -10.52 45.84
CA TYR A 17 -9.56 -11.82 46.26
C TYR A 17 -10.72 -12.80 46.35
N PRO A 18 -10.54 -14.04 45.87
CA PRO A 18 -11.65 -14.99 45.86
C PRO A 18 -12.07 -15.39 47.26
N ASN A 19 -13.38 -15.47 47.47
CA ASN A 19 -13.97 -16.00 48.69
C ASN A 19 -14.39 -17.45 48.54
N GLU A 20 -14.65 -17.90 47.33
CA GLU A 20 -14.99 -19.28 47.03
C GLU A 20 -13.79 -19.95 46.37
N PHE A 21 -13.64 -21.23 46.63
CA PHE A 21 -12.50 -21.97 46.13
C PHE A 21 -12.97 -23.29 45.55
N GLU A 22 -12.33 -23.72 44.47
CA GLU A 22 -12.72 -24.92 43.75
C GLU A 22 -11.58 -25.91 43.78
N ASP A 23 -11.83 -27.05 44.40
CA ASP A 23 -10.99 -28.21 44.16
C ASP A 23 -11.40 -28.83 42.81
N ASN A 24 -10.57 -29.73 42.28
CA ASN A 24 -10.61 -30.12 40.89
C ASN A 24 -10.18 -31.56 40.75
N LEU A 25 -10.25 -32.03 39.49
CA LEU A 25 -10.07 -33.44 39.14
C LEU A 25 -8.78 -33.71 38.38
N GLY A 26 -7.72 -32.98 38.71
CA GLY A 26 -6.42 -33.23 38.15
C GLY A 26 -6.07 -32.36 36.96
N SER A 27 -7.05 -31.68 36.37
CA SER A 27 -6.76 -30.70 35.34
C SER A 27 -7.86 -29.65 35.35
N ILE A 28 -7.49 -28.41 35.08
CA ILE A 28 -8.40 -27.29 34.95
C ILE A 28 -8.05 -26.54 33.67
N SER A 29 -9.07 -25.98 33.03
CA SER A 29 -8.88 -25.22 31.80
C SER A 29 -9.31 -23.78 32.00
N LEU A 30 -8.51 -22.86 31.51
CA LEU A 30 -8.86 -21.45 31.45
C LEU A 30 -9.31 -21.15 30.02
N GLY A 31 -10.57 -20.80 29.86
CA GLY A 31 -11.16 -20.72 28.54
C GLY A 31 -10.68 -19.52 27.76
N ASP A 32 -10.73 -18.33 28.37
CA ASP A 32 -10.28 -17.16 27.63
C ASP A 32 -9.70 -16.13 28.59
N LEU A 33 -8.39 -15.94 28.52
CA LEU A 33 -7.68 -15.06 29.43
C LEU A 33 -7.74 -13.59 29.03
N HIS A 34 -7.88 -13.28 27.74
CA HIS A 34 -7.92 -11.90 27.25
C HIS A 34 -6.65 -11.13 27.61
N GLY A 35 -5.51 -11.82 27.65
CA GLY A 35 -4.27 -11.18 28.03
C GLY A 35 -4.34 -10.46 29.35
N ASN A 36 -5.18 -10.93 30.27
CA ASN A 36 -5.48 -10.25 31.53
C ASN A 36 -4.83 -11.02 32.67
N ALA A 37 -3.70 -10.51 33.17
CA ALA A 37 -2.98 -11.19 34.25
C ALA A 37 -3.78 -11.27 35.54
N ILE A 38 -4.71 -10.32 35.76
CA ILE A 38 -5.59 -10.41 36.92
C ILE A 38 -6.46 -11.66 36.84
N LYS A 39 -6.92 -12.00 35.65
CA LYS A 39 -7.76 -13.19 35.54
C LYS A 39 -6.96 -14.44 35.79
N LEU A 40 -5.69 -14.44 35.41
CA LEU A 40 -4.82 -15.59 35.61
C LEU A 40 -4.50 -15.76 37.10
N ILE A 41 -4.15 -14.66 37.77
CA ILE A 41 -3.89 -14.72 39.21
C ILE A 41 -5.14 -15.14 39.96
N HIS A 42 -6.29 -14.54 39.61
CA HIS A 42 -7.54 -14.90 40.27
C HIS A 42 -7.87 -16.37 40.06
N PHE A 43 -7.67 -16.86 38.82
CA PHE A 43 -7.92 -18.26 38.49
C PHE A 43 -7.02 -19.19 39.26
N LEU A 44 -5.76 -18.82 39.46
CA LEU A 44 -4.84 -19.68 40.20
C LEU A 44 -5.16 -19.68 41.69
N PHE A 45 -5.57 -18.54 42.24
CA PHE A 45 -6.02 -18.52 43.64
C PHE A 45 -7.28 -19.34 43.83
N ARG A 46 -8.27 -19.15 42.95
CA ARG A 46 -9.57 -19.81 43.10
C ARG A 46 -9.44 -21.33 43.04
N HIS A 47 -8.53 -21.83 42.22
CA HIS A 47 -8.28 -23.26 42.12
C HIS A 47 -7.13 -23.71 43.00
N LYS A 48 -6.67 -22.86 43.91
CA LYS A 48 -5.71 -23.20 44.95
C LYS A 48 -4.37 -23.64 44.40
N ILE A 49 -4.02 -23.23 43.18
CA ILE A 49 -2.69 -23.53 42.66
C ILE A 49 -1.64 -22.71 43.39
N ILE A 50 -1.98 -21.47 43.73
CA ILE A 50 -1.08 -20.56 44.43
C ILE A 50 -1.79 -20.09 45.68
N LYS A 51 -1.04 -19.44 46.56
CA LYS A 51 -1.59 -18.95 47.80
C LYS A 51 -0.64 -17.88 48.34
N PHE A 52 -1.17 -17.01 49.18
CA PHE A 52 -0.30 -16.07 49.85
C PHE A 52 0.49 -16.76 50.95
N LYS A 53 1.71 -16.30 51.15
CA LYS A 53 2.56 -16.88 52.19
C LYS A 53 2.07 -16.46 53.57
N THR A 54 2.47 -17.25 54.58
CA THR A 54 1.87 -17.14 55.91
C THR A 54 1.99 -15.73 56.47
N GLU A 55 3.14 -15.08 56.27
CA GLU A 55 3.35 -13.77 56.85
C GLU A 55 2.38 -12.72 56.32
N ILE A 56 1.71 -13.00 55.21
CA ILE A 56 0.69 -12.11 54.67
C ILE A 56 -0.60 -12.34 55.46
N ILE A 57 -1.17 -11.28 56.00
CA ILE A 57 -2.38 -11.46 56.79
C ILE A 57 -3.59 -11.07 55.98
N ASN A 58 -3.64 -9.83 55.52
CA ASN A 58 -4.80 -9.32 54.79
C ASN A 58 -4.65 -9.76 53.33
N PHE A 59 -5.18 -10.94 53.03
CA PHE A 59 -5.14 -11.46 51.66
C PHE A 59 -5.83 -10.50 50.69
N HIS A 60 -6.97 -9.93 51.10
CA HIS A 60 -7.73 -9.07 50.20
C HIS A 60 -6.92 -7.82 49.83
N GLU A 61 -6.22 -7.24 50.80
CA GLU A 61 -5.41 -6.06 50.54
C GLU A 61 -4.23 -6.40 49.64
N ALA A 62 -3.59 -7.54 49.92
CA ALA A 62 -2.47 -7.99 49.09
C ALA A 62 -2.88 -8.15 47.63
N TYR A 63 -4.01 -8.84 47.40
CA TYR A 63 -4.56 -8.97 46.04
C TYR A 63 -4.86 -7.60 45.43
N GLN A 64 -5.33 -6.71 46.27
CA GLN A 64 -5.75 -5.40 45.80
C GLN A 64 -4.58 -4.60 45.27
N GLN A 65 -3.40 -4.72 45.88
CA GLN A 65 -2.30 -3.90 45.37
C GLN A 65 -1.87 -4.34 43.99
N PHE A 66 -1.98 -5.63 43.66
CA PHE A 66 -1.76 -6.02 42.27
C PHE A 66 -2.82 -5.44 41.36
N VAL A 67 -4.09 -5.49 41.77
CA VAL A 67 -5.12 -4.85 40.95
C VAL A 67 -4.72 -3.42 40.59
N THR A 68 -4.31 -2.66 41.60
CA THR A 68 -3.93 -1.26 41.41
C THR A 68 -2.76 -1.12 40.43
N ILE A 69 -1.69 -1.89 40.66
CA ILE A 69 -0.54 -1.87 39.75
C ILE A 69 -1.00 -2.10 38.32
N TYR A 70 -1.80 -3.14 38.13
CA TYR A 70 -2.28 -3.54 36.81
C TYR A 70 -3.03 -2.40 36.13
N GLU A 71 -3.91 -1.71 36.87
CA GLU A 71 -4.71 -0.68 36.19
C GLU A 71 -3.88 0.55 35.87
N GLN A 72 -3.03 0.99 36.80
CA GLN A 72 -2.14 2.10 36.47
C GLN A 72 -1.34 1.80 35.22
N TYR A 73 -0.72 0.61 35.17
CA TYR A 73 0.03 0.22 33.99
C TYR A 73 -0.86 0.22 32.75
N ASP A 74 -2.11 -0.22 32.89
CA ASP A 74 -3.04 -0.20 31.76
C ASP A 74 -3.17 1.20 31.17
N ASP A 75 -3.27 2.22 32.03
CA ASP A 75 -3.38 3.57 31.49
C ASP A 75 -2.06 4.04 30.88
N MET A 76 -0.93 3.58 31.41
CA MET A 76 0.33 3.93 30.78
C MET A 76 0.42 3.34 29.37
N VAL A 77 -0.08 2.12 29.20
CA VAL A 77 -0.11 1.52 27.86
C VAL A 77 -1.07 2.27 26.95
N GLN A 78 -2.21 2.71 27.49
CA GLN A 78 -3.13 3.53 26.70
C GLN A 78 -2.42 4.75 26.12
N GLU A 79 -1.68 5.46 26.98
CA GLU A 79 -0.96 6.63 26.49
C GLU A 79 0.08 6.23 25.44
N TYR A 80 0.72 5.07 25.64
CA TYR A 80 1.65 4.59 24.61
C TYR A 80 0.96 4.35 23.27
N LEU A 81 -0.28 3.87 23.29
CA LEU A 81 -1.00 3.66 22.03
C LEU A 81 -1.30 4.99 21.35
N GLU A 82 -1.78 5.98 22.12
CA GLU A 82 -2.07 7.27 21.51
C GLU A 82 -0.83 7.87 20.89
N ILE A 83 0.32 7.73 21.56
CA ILE A 83 1.57 8.24 21.03
C ILE A 83 1.95 7.51 19.75
N ARG A 84 1.73 6.19 19.69
CA ARG A 84 2.05 5.48 18.45
C ARG A 84 1.20 5.97 17.28
N THR A 85 -0.10 6.12 17.50
CA THR A 85 -0.96 6.67 16.46
C THR A 85 -0.42 8.02 15.96
N LEU A 86 -0.06 8.90 16.89
CA LEU A 86 0.37 10.23 16.48
C LEU A 86 1.71 10.19 15.74
N LEU A 87 2.62 9.32 16.20
CA LEU A 87 3.89 9.14 15.51
C LEU A 87 3.69 8.68 14.07
N GLN A 88 2.74 7.76 13.86
CA GLN A 88 2.51 7.32 12.48
C GLN A 88 1.97 8.47 11.64
N LEU A 89 1.02 9.24 12.21
CA LEU A 89 0.47 10.37 11.48
C LEU A 89 1.55 11.38 11.10
N ILE A 90 2.38 11.78 12.06
CA ILE A 90 3.39 12.78 11.71
C ILE A 90 4.45 12.18 10.79
N GLN A 91 4.63 10.87 10.84
CA GLN A 91 5.62 10.25 9.97
C GLN A 91 5.19 10.31 8.51
N ILE A 92 3.87 10.32 8.26
CA ILE A 92 3.43 10.47 6.87
C ILE A 92 3.96 11.78 6.29
N LYS A 93 3.76 12.89 7.01
CA LYS A 93 4.21 14.19 6.50
C LYS A 93 5.73 14.23 6.41
N ILE A 94 6.42 13.71 7.42
CA ILE A 94 7.88 13.65 7.35
C ILE A 94 8.33 12.89 6.10
N THR A 95 7.69 11.77 5.81
CA THR A 95 8.08 10.97 4.66
C THR A 95 7.89 11.73 3.36
N ASN A 96 6.74 12.39 3.20
CA ASN A 96 6.49 13.15 1.97
C ASN A 96 7.56 14.22 1.75
N ALA A 97 7.85 15.01 2.79
CA ALA A 97 8.86 16.05 2.62
C ALA A 97 10.24 15.45 2.35
N GLN A 98 10.59 14.38 3.09
CA GLN A 98 11.88 13.72 2.88
C GLN A 98 12.02 13.20 1.45
N GLN A 99 10.95 12.65 0.88
CA GLN A 99 11.04 12.11 -0.46
C GLN A 99 11.33 13.20 -1.47
N ARG A 100 10.57 14.30 -1.39
CA ARG A 100 10.86 15.40 -2.30
C ARG A 100 12.29 15.92 -2.12
N ILE A 101 12.72 16.11 -0.87
CA ILE A 101 14.06 16.66 -0.65
C ILE A 101 15.12 15.70 -1.19
N LEU A 102 14.91 14.40 -1.04
CA LEU A 102 15.89 13.44 -1.51
C LEU A 102 16.03 13.51 -3.03
N ASP A 103 14.90 13.50 -3.75
CA ASP A 103 14.99 13.62 -5.20
C ASP A 103 15.71 14.90 -5.61
N ILE A 104 15.33 16.02 -5.00
CA ILE A 104 15.95 17.29 -5.34
C ILE A 104 17.45 17.26 -5.07
N GLU A 105 17.84 16.73 -3.91
CA GLU A 105 19.25 16.72 -3.55
C GLU A 105 20.06 15.81 -4.45
N GLN A 106 19.43 14.76 -4.98
CA GLN A 106 20.09 13.97 -6.03
C GLN A 106 20.32 14.81 -7.27
N LYS A 107 19.28 15.52 -7.73
CA LYS A 107 19.44 16.37 -8.91
C LYS A 107 20.48 17.47 -8.68
N LEU A 108 20.64 17.93 -7.44
CA LEU A 108 21.61 18.96 -7.12
C LEU A 108 23.01 18.40 -6.98
N SER A 109 23.12 17.19 -6.43
CA SER A 109 24.44 16.59 -6.20
C SER A 109 25.12 16.26 -7.52
N LEU A 110 24.35 15.98 -8.57
CA LEU A 110 24.90 15.71 -9.89
C LEU A 110 25.00 16.96 -10.76
N ALA A 111 24.98 18.15 -10.14
CA ALA A 111 25.11 19.40 -10.88
C ALA A 111 26.59 19.68 -11.13
N THR A 112 26.95 19.80 -12.39
CA THR A 112 28.29 20.19 -12.77
C THR A 112 28.42 21.72 -12.71
N ASP A 113 29.67 22.19 -12.79
CA ASP A 113 29.92 23.62 -12.79
C ASP A 113 29.22 24.34 -13.94
N HIS A 114 28.83 23.61 -14.99
CA HIS A 114 28.16 24.24 -16.13
C HIS A 114 26.76 24.70 -15.75
N GLN A 115 26.04 23.91 -14.95
CA GLN A 115 24.62 24.18 -14.65
C GLN A 115 24.52 24.97 -13.36
N LYS A 116 24.75 26.29 -13.47
CA LYS A 116 24.72 27.14 -12.28
C LYS A 116 23.30 27.55 -11.92
N GLU A 117 22.60 28.22 -12.86
CA GLU A 117 21.22 28.62 -12.64
C GLU A 117 20.36 27.41 -12.25
N PHE A 118 20.72 26.24 -12.76
CA PHE A 118 20.09 24.98 -12.37
C PHE A 118 20.18 24.75 -10.86
N SER A 119 21.41 24.74 -10.34
CA SER A 119 21.62 24.57 -8.91
C SER A 119 20.83 25.60 -8.11
N GLN A 120 20.88 26.88 -8.51
CA GLN A 120 20.16 27.90 -7.76
C GLN A 120 18.66 27.62 -7.72
N SER A 121 18.08 27.24 -8.87
CA SER A 121 16.64 26.96 -8.93
C SER A 121 16.26 25.80 -8.01
N LEU A 122 17.08 24.74 -7.99
CA LEU A 122 16.81 23.63 -7.06
C LEU A 122 16.91 24.08 -5.60
N LEU A 123 17.88 24.95 -5.27
CA LEU A 123 18.01 25.46 -3.92
C LEU A 123 16.73 26.18 -3.48
N GLN A 124 16.26 27.09 -4.33
CA GLN A 124 15.04 27.84 -4.02
C GLN A 124 13.84 26.91 -3.85
N LEU A 125 13.73 25.86 -4.68
CA LEU A 125 12.60 24.95 -4.53
C LEU A 125 12.73 24.08 -3.29
N LYS A 126 13.95 23.86 -2.83
CA LYS A 126 14.17 22.98 -1.69
C LYS A 126 13.91 23.67 -0.36
N LYS A 127 14.17 24.98 -0.27
CA LYS A 127 14.04 25.67 1.02
C LYS A 127 12.70 25.48 1.73
N PRO A 128 11.55 25.74 1.10
CA PRO A 128 10.29 25.62 1.86
C PRO A 128 9.98 24.21 2.31
N ILE A 129 10.30 23.21 1.48
CA ILE A 129 10.10 21.83 1.91
C ILE A 129 10.96 21.52 3.11
N GLU A 130 12.22 21.98 3.09
CA GLU A 130 13.09 21.80 4.25
C GLU A 130 12.46 22.42 5.49
N ALA A 131 11.82 23.59 5.35
CA ALA A 131 11.17 24.22 6.51
C ALA A 131 10.04 23.36 7.05
N ASN A 132 9.13 22.94 6.18
CA ASN A 132 8.05 22.06 6.61
C ASN A 132 8.59 20.81 7.28
N LEU A 133 9.66 20.24 6.73
CA LEU A 133 10.24 19.04 7.31
C LEU A 133 10.77 19.33 8.71
N GLN A 134 11.37 20.49 8.90
CA GLN A 134 11.91 20.83 10.22
C GLN A 134 10.79 20.96 11.25
N MET A 135 9.68 21.61 10.86
CA MET A 135 8.55 21.75 11.78
C MET A 135 7.94 20.40 12.14
N ALA A 136 7.72 19.55 11.13
CA ALA A 136 7.16 18.22 11.39
C ALA A 136 8.10 17.40 12.27
N GLU A 137 9.37 17.31 11.89
CA GLU A 137 10.35 16.53 12.65
C GLU A 137 10.38 16.97 14.08
N LYS A 138 10.07 18.23 14.31
CA LYS A 138 10.18 18.54 15.71
C LYS A 138 8.87 18.37 16.48
N SER A 139 7.71 18.49 15.83
CA SER A 139 6.49 18.01 16.48
C SER A 139 6.72 16.57 16.94
N LYS A 140 7.31 15.75 16.05
CA LYS A 140 7.69 14.39 16.41
C LYS A 140 8.67 14.37 17.58
N ALA A 141 9.64 15.30 17.61
CA ALA A 141 10.53 15.35 18.76
C ALA A 141 9.75 15.51 20.06
N GLY A 142 8.68 16.31 20.01
CA GLY A 142 7.81 16.43 21.18
C GLY A 142 7.19 15.11 21.58
N LEU A 143 6.66 14.37 20.59
CA LEU A 143 6.05 13.08 20.90
C LEU A 143 7.03 12.13 21.59
N GLU A 144 8.23 11.98 21.01
CA GLU A 144 9.20 11.10 21.65
C GLU A 144 9.73 11.66 22.98
N GLU A 145 9.56 12.96 23.22
CA GLU A 145 9.84 13.47 24.56
C GLU A 145 8.80 13.00 25.56
N LYS A 146 7.50 13.18 25.23
CA LYS A 146 6.43 12.60 26.05
C LYS A 146 6.71 11.10 26.31
N LEU A 147 7.28 10.39 25.32
CA LEU A 147 7.54 8.95 25.47
C LEU A 147 8.67 8.67 26.48
N SER A 148 9.77 9.44 26.43
CA SER A 148 10.78 9.45 27.49
C SER A 148 10.18 9.69 28.87
N GLY A 149 9.19 10.58 28.93
CA GLY A 149 8.48 10.80 30.17
C GLY A 149 7.79 9.55 30.68
N LEU A 150 7.23 8.76 29.76
CA LEU A 150 6.66 7.47 30.15
C LEU A 150 7.74 6.49 30.61
N LYS A 151 8.85 6.44 29.87
CA LYS A 151 9.97 5.59 30.28
C LYS A 151 10.39 5.87 31.71
N THR A 152 10.36 7.14 32.12
CA THR A 152 10.74 7.45 33.50
C THR A 152 9.81 6.82 34.52
N ARG A 153 8.53 6.59 34.15
CA ARG A 153 7.51 6.17 35.09
C ARG A 153 7.30 4.66 35.16
N LEU A 154 7.60 3.91 34.10
CA LEU A 154 7.36 2.47 34.15
C LEU A 154 8.12 1.71 35.24
N PRO A 155 9.40 2.00 35.54
CA PRO A 155 10.11 1.15 36.51
C PRO A 155 9.48 1.09 37.90
N SER A 156 8.85 2.16 38.37
CA SER A 156 8.18 2.10 39.68
C SER A 156 7.06 1.07 39.66
N CYS A 157 6.29 1.05 38.57
CA CYS A 157 5.21 0.08 38.40
C CYS A 157 5.74 -1.33 38.38
N ILE A 158 6.86 -1.54 37.70
CA ILE A 158 7.40 -2.89 37.61
C ILE A 158 7.94 -3.34 38.96
N GLU A 159 8.58 -2.43 39.69
CA GLU A 159 9.07 -2.80 41.01
C GLU A 159 7.92 -3.09 41.96
N ARG A 160 6.83 -2.33 41.86
CA ARG A 160 5.65 -2.67 42.64
C ARG A 160 5.15 -4.07 42.26
N PHE A 161 5.27 -4.45 40.98
CA PHE A 161 4.81 -5.76 40.57
C PHE A 161 5.67 -6.87 41.14
N ASN A 162 7.00 -6.71 41.07
CA ASN A 162 7.90 -7.69 41.67
C ASN A 162 7.65 -7.82 43.17
N LYS A 163 7.47 -6.69 43.85
CA LYS A 163 7.14 -6.71 45.26
C LYS A 163 5.88 -7.53 45.50
N PHE A 164 4.86 -7.34 44.65
CA PHE A 164 3.66 -8.15 44.80
C PHE A 164 3.98 -9.62 44.63
N MET A 165 4.82 -9.98 43.65
CA MET A 165 5.12 -11.38 43.44
C MET A 165 5.90 -11.98 44.59
N THR A 166 6.58 -11.16 45.41
CA THR A 166 7.30 -11.73 46.54
C THR A 166 6.38 -12.39 47.54
N GLN A 167 5.09 -12.12 47.48
CA GLN A 167 4.15 -12.56 48.51
C GLN A 167 3.43 -13.87 48.16
N ILE A 168 3.81 -14.53 47.07
CA ILE A 168 3.05 -15.64 46.51
C ILE A 168 3.86 -16.92 46.65
N GLU A 169 3.19 -18.04 46.86
CA GLU A 169 3.87 -19.33 46.78
C GLU A 169 2.93 -20.40 46.25
N ILE A 170 3.51 -21.52 45.87
CA ILE A 170 2.74 -22.60 45.26
C ILE A 170 2.01 -23.36 46.36
N ASN A 171 0.86 -23.94 46.00
CA ASN A 171 0.10 -24.78 46.93
C ASN A 171 -0.16 -26.15 46.36
N ASP A 172 -0.87 -26.23 45.24
CA ASP A 172 -1.23 -27.48 44.60
C ASP A 172 -0.34 -27.68 43.39
N ILE A 173 0.42 -28.77 43.39
CA ILE A 173 1.38 -29.07 42.33
C ILE A 173 0.94 -30.21 41.46
N LYS A 174 -0.18 -30.87 41.78
CA LYS A 174 -0.61 -32.08 41.09
C LYS A 174 -1.78 -31.83 40.15
N THR A 175 -1.95 -30.60 39.70
CA THR A 175 -3.06 -30.24 38.83
C THR A 175 -2.50 -29.70 37.52
N LEU A 176 -2.98 -30.25 36.41
CA LEU A 176 -2.60 -29.75 35.10
C LEU A 176 -3.35 -28.47 34.80
N ILE A 177 -2.63 -27.41 34.43
CA ILE A 177 -3.24 -26.16 34.01
C ILE A 177 -3.24 -26.15 32.49
N ARG A 178 -4.39 -25.85 31.90
CA ARG A 178 -4.50 -25.70 30.45
C ARG A 178 -5.12 -24.35 30.13
N LEU A 179 -4.41 -23.57 29.29
CA LEU A 179 -4.88 -22.27 28.81
C LEU A 179 -5.31 -22.44 27.35
N LEU A 180 -6.58 -22.15 27.07
CA LEU A 180 -7.13 -22.41 25.74
C LEU A 180 -6.97 -21.22 24.81
N GLY A 181 -6.08 -20.29 25.13
CA GLY A 181 -5.75 -19.24 24.19
C GLY A 181 -5.92 -17.82 24.71
N ASP A 182 -5.32 -16.87 23.98
CA ASP A 182 -5.41 -15.45 24.26
C ASP A 182 -4.80 -15.09 25.61
N GLU A 183 -3.74 -15.81 25.98
CA GLU A 183 -2.97 -15.51 27.18
C GLU A 183 -2.02 -14.34 26.97
N VAL A 184 -1.68 -14.02 25.71
CA VAL A 184 -0.80 -12.91 25.38
C VAL A 184 -1.39 -12.19 24.17
N ALA A 185 -0.87 -10.99 23.91
CA ALA A 185 -1.26 -10.17 22.76
C ALA A 185 -2.78 -10.00 22.66
N ASP A 186 -3.37 -9.41 23.70
CA ASP A 186 -4.82 -9.29 23.72
C ASP A 186 -5.19 -7.99 24.41
N ARG A 187 -6.44 -7.90 24.88
CA ARG A 187 -7.00 -6.65 25.41
C ARG A 187 -6.40 -6.26 26.75
N GLY A 188 -5.66 -7.15 27.41
CA GLY A 188 -5.22 -6.89 28.76
C GLY A 188 -4.18 -5.79 28.83
N SER A 189 -3.52 -5.75 29.98
CA SER A 189 -2.58 -4.67 30.26
C SER A 189 -1.15 -4.97 29.78
N CYS A 190 -0.57 -6.10 30.19
CA CYS A 190 0.84 -6.30 29.95
C CYS A 190 1.18 -7.78 29.91
N ASP A 191 1.77 -8.23 28.80
CA ASP A 191 2.20 -9.61 28.69
C ASP A 191 3.39 -9.92 29.59
N TYR A 192 4.13 -8.91 30.06
CA TYR A 192 5.23 -9.15 30.98
C TYR A 192 4.72 -9.75 32.29
N PHE A 193 3.62 -9.22 32.82
CA PHE A 193 2.99 -9.82 33.98
C PHE A 193 2.68 -11.29 33.74
N THR A 194 2.05 -11.58 32.60
CA THR A 194 1.61 -12.93 32.32
C THR A 194 2.77 -13.89 32.21
N LEU A 195 3.80 -13.50 31.45
CA LEU A 195 4.97 -14.35 31.31
C LEU A 195 5.71 -14.52 32.62
N ARG A 196 5.69 -13.49 33.48
CA ARG A 196 6.29 -13.64 34.81
C ARG A 196 5.49 -14.59 35.69
N ILE A 197 4.17 -14.62 35.53
CA ILE A 197 3.36 -15.59 36.26
C ILE A 197 3.59 -17.00 35.71
N LEU A 198 3.70 -17.13 34.39
CA LEU A 198 3.97 -18.43 33.81
C LEU A 198 5.37 -18.91 34.16
N ASP A 199 6.30 -17.99 34.34
CA ASP A 199 7.62 -18.38 34.79
C ASP A 199 7.57 -18.78 36.25
N PHE A 200 6.77 -18.08 37.05
CA PHE A 200 6.57 -18.51 38.42
C PHE A 200 6.07 -19.95 38.46
N LEU A 201 5.16 -20.31 37.56
CA LEU A 201 4.65 -21.67 37.56
C LEU A 201 5.70 -22.66 37.08
N TYR A 202 6.48 -22.27 36.06
CA TYR A 202 7.59 -23.11 35.61
C TYR A 202 8.62 -23.35 36.73
N GLN A 203 9.04 -22.30 37.44
CA GLN A 203 10.01 -22.46 38.52
C GLN A 203 9.50 -23.43 39.58
N ASN A 204 8.18 -23.54 39.72
CA ASN A 204 7.55 -24.43 40.67
C ASN A 204 7.07 -25.73 40.04
N GLN A 205 7.63 -26.08 38.87
CA GLN A 205 7.35 -27.35 38.20
C GLN A 205 5.85 -27.64 38.13
N ILE A 206 5.07 -26.63 37.80
CA ILE A 206 3.67 -26.79 37.49
C ILE A 206 3.55 -27.24 36.04
N ALA A 207 2.64 -28.18 35.81
CA ALA A 207 2.30 -28.62 34.46
C ALA A 207 1.34 -27.63 33.80
N ILE A 208 1.79 -26.98 32.73
CA ILE A 208 0.97 -26.03 31.98
C ILE A 208 1.03 -26.35 30.50
N LYS A 209 -0.14 -26.39 29.87
CA LYS A 209 -0.22 -26.49 28.41
C LYS A 209 -0.97 -25.27 27.91
N ILE A 210 -0.47 -24.69 26.83
CA ILE A 210 -1.09 -23.53 26.20
C ILE A 210 -1.43 -23.91 24.76
N ILE A 211 -2.67 -23.73 24.38
CA ILE A 211 -3.10 -24.01 23.02
C ILE A 211 -2.85 -22.78 22.16
N LEU A 212 -2.28 -23.00 20.98
CA LEU A 212 -2.01 -21.92 20.06
C LEU A 212 -3.30 -21.22 19.65
N SER A 213 -3.27 -19.89 19.63
CA SER A 213 -4.40 -19.06 19.24
C SER A 213 -3.91 -17.97 18.28
N ASN A 214 -4.85 -17.17 17.77
CA ASN A 214 -4.47 -16.12 16.82
C ASN A 214 -3.74 -14.97 17.51
N HIS A 215 -4.23 -14.54 18.68
CA HIS A 215 -3.50 -13.58 19.48
C HIS A 215 -2.12 -14.12 19.87
N GLY A 216 -2.09 -15.36 20.38
CA GLY A 216 -0.83 -16.04 20.61
C GLY A 216 0.09 -15.96 19.41
N TYR A 217 -0.43 -16.22 18.21
CA TYR A 217 0.42 -16.16 17.03
C TYR A 217 0.96 -14.75 16.79
N GLU A 218 0.13 -13.71 17.02
CA GLU A 218 0.65 -12.35 16.91
C GLU A 218 1.90 -12.19 17.77
N PHE A 219 1.82 -12.66 19.02
CA PHE A 219 2.97 -12.60 19.92
C PHE A 219 4.16 -13.38 19.37
N ILE A 220 3.94 -14.64 18.99
CA ILE A 220 5.04 -15.47 18.51
C ILE A 220 5.67 -14.85 17.26
N HIS A 221 4.85 -14.29 16.39
CA HIS A 221 5.32 -13.63 15.18
C HIS A 221 6.25 -12.48 15.53
N ALA A 222 5.85 -11.66 16.50
CA ALA A 222 6.75 -10.61 16.98
C ALA A 222 8.05 -11.18 17.51
N TYR A 223 7.98 -12.27 18.28
CA TYR A 223 9.18 -12.84 18.89
C TYR A 223 10.13 -13.39 17.84
N GLU A 224 9.59 -14.10 16.85
CA GLU A 224 10.39 -14.65 15.77
C GLU A 224 11.01 -13.55 14.91
N LYS A 225 10.32 -12.43 14.76
CA LYS A 225 10.97 -11.29 14.11
C LYS A 225 12.11 -10.76 14.98
N LEU A 226 11.90 -10.68 16.29
CA LEU A 226 12.93 -10.14 17.17
C LEU A 226 14.21 -10.95 17.10
N VAL A 227 14.10 -12.28 17.13
CA VAL A 227 15.31 -13.07 17.17
C VAL A 227 16.10 -13.00 15.87
N VAL A 228 15.50 -12.59 14.76
CA VAL A 228 16.25 -12.41 13.51
C VAL A 228 16.56 -10.95 13.24
N GLY A 229 16.53 -10.10 14.26
CA GLY A 229 17.00 -8.74 14.14
C GLY A 229 15.97 -7.73 13.67
N GLN A 230 14.75 -8.15 13.38
CA GLN A 230 13.68 -7.24 13.04
C GLN A 230 13.05 -6.69 14.31
N PRO A 231 12.25 -5.63 14.21
CA PRO A 231 11.59 -5.09 15.42
C PRO A 231 10.68 -6.13 16.06
N PHE A 232 10.57 -6.05 17.39
CA PHE A 232 9.70 -6.92 18.18
C PHE A 232 8.26 -6.44 18.04
N LYS A 233 7.74 -6.55 16.82
CA LYS A 233 6.44 -6.01 16.49
C LYS A 233 5.67 -7.02 15.66
N PRO A 234 4.35 -7.08 15.82
CA PRO A 234 3.61 -8.22 15.30
C PRO A 234 3.26 -8.14 13.83
N LYS A 235 2.48 -9.12 13.38
CA LYS A 235 2.07 -9.16 11.98
C LYS A 235 1.19 -7.99 11.64
N GLY A 236 0.25 -7.64 12.52
CA GLY A 236 -0.65 -6.53 12.28
C GLY A 236 -2.01 -6.91 11.73
N TYR A 237 -2.32 -8.20 11.61
CA TYR A 237 -3.67 -8.56 11.18
C TYR A 237 -4.70 -8.13 12.22
N ILE A 238 -4.35 -8.22 13.51
CA ILE A 238 -5.22 -7.75 14.58
C ILE A 238 -4.78 -6.33 14.97
N GLY A 239 -5.75 -5.44 15.15
CA GLY A 239 -5.46 -4.05 15.44
C GLY A 239 -4.78 -3.86 16.79
N ASP A 240 -4.29 -2.63 17.01
CA ASP A 240 -3.39 -2.38 18.11
C ASP A 240 -4.09 -2.46 19.46
N ILE A 241 -5.32 -1.95 19.54
CA ILE A 241 -6.06 -2.01 20.79
C ILE A 241 -6.32 -3.47 21.19
N GLN A 242 -6.72 -4.28 20.21
CA GLN A 242 -7.04 -5.68 20.48
C GLN A 242 -5.82 -6.53 20.82
N ILE A 243 -4.61 -5.99 20.71
CA ILE A 243 -3.41 -6.70 21.15
C ILE A 243 -2.64 -5.79 22.10
N LYS A 244 -3.39 -4.94 22.79
CA LYS A 244 -2.80 -3.98 23.73
C LYS A 244 -1.81 -4.62 24.69
N SER A 245 -2.09 -5.83 25.18
CA SER A 245 -1.22 -6.42 26.19
C SER A 245 0.16 -6.71 25.61
N PHE A 246 0.22 -7.10 24.34
CA PHE A 246 1.52 -7.20 23.69
C PHE A 246 2.27 -5.89 23.76
N TRP A 247 1.58 -4.78 23.45
CA TRP A 247 2.24 -3.49 23.48
C TRP A 247 2.68 -3.12 24.87
N GLY A 248 2.02 -3.65 25.90
CA GLY A 248 2.52 -3.42 27.25
C GLY A 248 3.89 -4.04 27.45
N LEU A 249 4.11 -5.21 26.87
CA LEU A 249 5.42 -5.84 26.92
C LEU A 249 6.42 -5.11 26.04
N GLN A 250 6.06 -4.90 24.76
CA GLN A 250 6.97 -4.25 23.83
C GLN A 250 7.48 -2.92 24.39
N LEU A 251 6.59 -2.18 25.05
CA LEU A 251 6.96 -0.90 25.64
C LEU A 251 8.15 -1.05 26.59
N LEU A 252 8.12 -2.07 27.44
CA LEU A 252 9.22 -2.30 28.39
C LEU A 252 10.50 -2.66 27.67
N LEU A 253 10.40 -3.34 26.54
CA LEU A 253 11.60 -3.75 25.84
C LEU A 253 12.24 -2.55 25.15
N GLU A 254 11.48 -1.84 24.32
CA GLU A 254 12.04 -0.72 23.58
C GLU A 254 12.56 0.36 24.50
N GLN A 255 11.95 0.54 25.68
CA GLN A 255 12.40 1.54 26.63
C GLN A 255 13.46 1.00 27.57
N SER A 256 13.98 -0.19 27.32
CA SER A 256 15.10 -0.76 28.09
C SER A 256 14.76 -0.97 29.56
N VAL A 257 13.48 -0.96 29.92
CA VAL A 257 13.11 -1.23 31.31
C VAL A 257 13.43 -2.67 31.67
N ILE A 258 13.18 -3.60 30.75
CA ILE A 258 13.63 -4.97 30.88
C ILE A 258 14.67 -5.22 29.79
N THR A 259 15.40 -6.32 29.92
CA THR A 259 16.42 -6.64 28.94
C THR A 259 15.89 -7.68 27.96
N GLU A 260 16.51 -7.72 26.78
CA GLU A 260 16.14 -8.72 25.78
C GLU A 260 16.44 -10.13 26.28
N GLU A 261 17.53 -10.29 27.03
CA GLU A 261 17.86 -11.63 27.53
C GLU A 261 16.83 -12.10 28.55
N GLU A 262 16.25 -11.18 29.32
CA GLU A 262 15.16 -11.57 30.22
C GLU A 262 13.93 -12.02 29.44
N LEU A 263 13.53 -11.25 28.43
CA LEU A 263 12.39 -11.63 27.61
C LEU A 263 12.61 -12.99 26.93
N ARG A 264 13.81 -13.20 26.37
CA ARG A 264 14.11 -14.48 25.74
C ARG A 264 14.16 -15.62 26.74
N SER A 265 14.62 -15.35 27.97
CA SER A 265 14.59 -16.37 29.00
C SER A 265 13.16 -16.78 29.30
N LEU A 266 12.29 -15.80 29.57
CA LEU A 266 10.90 -16.10 29.90
C LEU A 266 10.19 -16.82 28.77
N VAL A 267 10.37 -16.36 27.54
CA VAL A 267 9.68 -16.96 26.41
C VAL A 267 10.22 -18.36 26.14
N GLU A 268 11.55 -18.50 26.08
CA GLU A 268 12.14 -19.78 25.74
C GLU A 268 11.85 -20.85 26.78
N ARG A 269 11.77 -20.49 28.05
CA ARG A 269 11.62 -21.52 29.06
C ARG A 269 10.21 -21.66 29.61
N ALA A 270 9.40 -20.61 29.60
CA ALA A 270 8.09 -20.65 30.23
C ALA A 270 6.94 -20.64 29.24
N TYR A 271 7.15 -20.06 28.06
CA TYR A 271 6.09 -19.95 27.06
C TYR A 271 6.24 -21.03 26.00
N LYS A 272 7.29 -20.93 25.19
CA LYS A 272 7.44 -21.78 24.01
C LYS A 272 7.29 -23.28 24.27
N PRO A 273 7.84 -23.85 25.35
CA PRO A 273 7.64 -25.31 25.56
C PRO A 273 6.22 -25.69 25.91
N THR A 274 5.33 -24.75 26.17
CA THR A 274 3.97 -25.10 26.58
C THR A 274 3.01 -25.20 25.41
N LEU A 275 3.40 -24.70 24.24
CA LEU A 275 2.48 -24.54 23.14
C LEU A 275 2.07 -25.88 22.53
N LYS A 276 0.80 -26.00 22.20
CA LYS A 276 0.29 -27.14 21.48
C LYS A 276 -0.66 -26.64 20.40
N ILE A 277 -0.71 -27.37 19.29
CA ILE A 277 -1.74 -27.11 18.29
C ILE A 277 -3.09 -27.53 18.83
N ILE A 278 -3.16 -28.73 19.40
CA ILE A 278 -4.34 -29.27 20.04
C ILE A 278 -3.86 -30.17 21.15
N ASP A 279 -4.62 -30.21 22.24
CA ASP A 279 -4.32 -31.13 23.32
C ASP A 279 -5.42 -32.17 23.43
N TYR A 280 -5.17 -33.22 24.20
CA TYR A 280 -6.18 -34.25 24.45
C TYR A 280 -5.99 -34.78 25.86
N SER A 281 -6.99 -35.51 26.33
CA SER A 281 -6.83 -36.41 27.45
C SER A 281 -7.63 -37.68 27.16
N LEU A 282 -7.16 -38.79 27.71
CA LEU A 282 -7.76 -40.10 27.47
C LEU A 282 -8.60 -40.49 28.67
N SER A 283 -9.81 -40.98 28.41
CA SER A 283 -10.58 -41.70 29.39
C SER A 283 -10.59 -43.17 28.98
N GLU A 284 -11.25 -44.02 29.76
CA GLU A 284 -11.21 -45.44 29.41
C GLU A 284 -11.98 -45.72 28.11
N ASP A 285 -13.00 -44.91 27.80
CA ASP A 285 -13.86 -45.15 26.65
C ASP A 285 -13.80 -44.07 25.57
N GLY A 286 -13.04 -43.00 25.76
CA GLY A 286 -13.00 -41.99 24.73
C GLY A 286 -11.82 -41.05 24.89
N ILE A 287 -11.92 -39.93 24.18
CA ILE A 287 -10.86 -38.94 24.13
C ILE A 287 -11.49 -37.55 24.19
N THR A 288 -10.79 -36.62 24.82
CA THR A 288 -11.22 -35.24 24.86
C THR A 288 -10.18 -34.37 24.15
N LEU A 289 -10.66 -33.55 23.23
CA LEU A 289 -9.83 -32.68 22.40
C LEU A 289 -9.98 -31.24 22.88
N TYR A 290 -8.88 -30.64 23.29
CA TYR A 290 -8.86 -29.24 23.72
C TYR A 290 -8.22 -28.40 22.63
N SER A 291 -8.95 -27.40 22.14
CA SER A 291 -8.45 -26.48 21.13
C SER A 291 -8.77 -25.05 21.54
N HIS A 292 -8.25 -24.10 20.76
CA HIS A 292 -8.62 -22.70 20.97
C HIS A 292 -10.00 -22.41 20.42
N ALA A 293 -10.12 -22.48 19.14
CA ALA A 293 -11.35 -22.15 18.44
C ALA A 293 -12.22 -23.39 18.30
N PRO A 294 -13.54 -23.22 18.22
CA PRO A 294 -14.39 -24.36 17.87
C PRO A 294 -14.00 -24.84 16.48
N ILE A 295 -13.67 -26.11 16.38
CA ILE A 295 -13.18 -26.65 15.14
C ILE A 295 -13.96 -27.91 14.81
N ARG A 296 -13.65 -28.41 13.66
CA ARG A 296 -14.33 -29.52 13.02
C ARG A 296 -13.45 -30.74 13.24
N PHE A 297 -14.06 -31.91 13.46
CA PHE A 297 -13.26 -33.12 13.63
C PHE A 297 -12.28 -33.30 12.47
N ASP A 298 -12.78 -33.22 11.24
CA ASP A 298 -11.98 -33.54 10.06
C ASP A 298 -10.84 -32.56 9.83
N SER A 299 -10.73 -31.52 10.66
CA SER A 299 -9.61 -30.61 10.51
C SER A 299 -8.31 -31.24 11.00
N ILE A 300 -8.38 -32.15 11.97
CA ILE A 300 -7.15 -32.71 12.51
C ILE A 300 -6.32 -33.35 11.40
N ARG A 301 -6.97 -34.17 10.57
CA ARG A 301 -6.30 -34.79 9.43
C ARG A 301 -5.66 -33.75 8.54
N MET A 302 -6.38 -32.67 8.27
CA MET A 302 -5.84 -31.64 7.40
C MET A 302 -4.58 -31.05 7.99
N ALA A 303 -4.57 -30.77 9.29
CA ALA A 303 -3.36 -30.22 9.89
C ALA A 303 -2.22 -31.20 9.74
N ALA A 304 -2.52 -32.50 9.88
CA ALA A 304 -1.50 -33.51 9.70
C ALA A 304 -0.88 -33.40 8.31
N SER A 305 -1.74 -33.26 7.29
CA SER A 305 -1.23 -33.15 5.93
C SER A 305 -0.26 -31.99 5.80
N GLN A 306 -0.56 -30.87 6.46
CA GLN A 306 0.35 -29.75 6.29
C GLN A 306 1.68 -30.02 6.97
N LEU A 307 1.66 -30.72 8.10
CA LEU A 307 2.88 -30.96 8.85
C LEU A 307 3.57 -32.25 8.45
N GLY A 308 3.08 -32.93 7.41
CA GLY A 308 3.64 -34.21 7.04
C GLY A 308 3.50 -35.29 8.09
N VAL A 309 2.56 -35.14 9.02
CA VAL A 309 2.30 -36.13 10.05
C VAL A 309 1.35 -37.17 9.48
N THR A 310 1.70 -38.44 9.59
CA THR A 310 0.80 -39.50 9.17
C THR A 310 -0.41 -39.54 10.11
N TYR A 311 -1.61 -39.42 9.54
CA TYR A 311 -2.84 -39.32 10.30
C TYR A 311 -3.42 -40.70 10.54
N ASN A 312 -3.86 -40.94 11.78
CA ASN A 312 -4.56 -42.18 12.08
C ASN A 312 -5.50 -41.94 13.26
N ASP A 313 -6.75 -42.39 13.13
CA ASP A 313 -7.71 -42.30 14.21
C ASP A 313 -8.51 -43.59 14.41
N SER A 314 -7.94 -44.73 14.03
CA SER A 314 -8.64 -46.00 14.17
C SER A 314 -8.98 -46.28 15.62
N THR A 315 -8.10 -45.90 16.54
CA THR A 315 -8.35 -46.01 17.95
C THR A 315 -8.12 -44.65 18.58
N LYS A 316 -8.65 -44.47 19.79
CA LYS A 316 -8.37 -43.23 20.50
C LYS A 316 -6.88 -43.08 20.77
N GLU A 317 -6.17 -44.20 20.95
CA GLU A 317 -4.71 -44.12 21.11
C GLU A 317 -4.05 -43.69 19.80
N ALA A 318 -4.58 -44.12 18.65
CA ALA A 318 -3.99 -43.70 17.38
C ALA A 318 -4.16 -42.21 17.16
N LEU A 319 -5.31 -41.66 17.56
CA LEU A 319 -5.53 -40.21 17.48
C LEU A 319 -4.65 -39.46 18.47
N ALA A 320 -4.52 -39.98 19.69
CA ALA A 320 -3.62 -39.38 20.66
C ALA A 320 -2.20 -39.30 20.12
N GLU A 321 -1.74 -40.38 19.49
CA GLU A 321 -0.40 -40.35 18.90
C GLU A 321 -0.32 -39.34 17.75
N THR A 322 -1.36 -39.28 16.92
CA THR A 322 -1.36 -38.30 15.84
C THR A 322 -1.21 -36.88 16.38
N ILE A 323 -1.97 -36.56 17.44
CA ILE A 323 -1.93 -35.23 18.03
C ILE A 323 -0.57 -34.96 18.66
N ASP A 324 0.04 -35.98 19.26
CA ASP A 324 1.39 -35.83 19.80
C ASP A 324 2.38 -35.52 18.69
N GLN A 325 2.23 -36.15 17.53
CA GLN A 325 3.15 -35.87 16.44
C GLN A 325 2.93 -34.47 15.87
N LEU A 326 1.68 -34.05 15.75
CA LEU A 326 1.39 -32.66 15.38
C LEU A 326 2.10 -31.68 16.31
N ASN A 327 2.00 -31.91 17.62
CA ASN A 327 2.61 -30.96 18.57
C ASN A 327 4.13 -31.02 18.54
N ALA A 328 4.69 -32.20 18.26
CA ALA A 328 6.14 -32.30 18.08
C ALA A 328 6.60 -31.47 16.89
N GLN A 329 5.94 -31.64 15.74
CA GLN A 329 6.28 -30.83 14.59
C GLN A 329 6.14 -29.34 14.89
N LEU A 330 5.07 -28.98 15.59
CA LEU A 330 4.92 -27.59 16.03
C LEU A 330 6.17 -27.14 16.78
N GLN A 331 6.62 -27.95 17.74
CA GLN A 331 7.78 -27.55 18.54
C GLN A 331 9.04 -27.45 17.70
N ILE A 332 9.15 -28.22 16.62
CA ILE A 332 10.27 -28.00 15.71
C ILE A 332 10.16 -26.63 15.06
N TYR A 333 8.94 -26.22 14.69
CA TYR A 333 8.80 -24.89 14.13
C TYR A 333 9.09 -23.79 15.17
N MET A 334 8.76 -24.04 16.44
CA MET A 334 9.07 -23.07 17.50
C MET A 334 10.57 -23.02 17.81
N LYS A 335 11.25 -24.17 17.80
CA LYS A 335 12.67 -24.16 18.11
C LYS A 335 13.47 -23.42 17.04
N ASN A 336 13.00 -23.47 15.80
CA ASN A 336 13.65 -22.74 14.70
C ASN A 336 12.97 -21.41 14.41
N ASN A 337 12.06 -20.97 15.30
CA ASN A 337 11.43 -19.66 15.21
C ASN A 337 10.88 -19.39 13.81
N MET A 338 10.17 -20.36 13.26
CA MET A 338 9.69 -20.25 11.90
C MET A 338 8.22 -20.63 11.78
N LEU A 339 7.48 -20.51 12.89
CA LEU A 339 6.06 -20.83 12.84
C LEU A 339 5.30 -19.95 11.87
N HIS A 340 5.84 -18.75 11.57
CA HIS A 340 5.17 -17.85 10.64
C HIS A 340 5.06 -18.45 9.26
N LEU A 341 5.98 -19.34 8.89
CA LEU A 341 5.89 -19.99 7.59
C LEU A 341 4.56 -20.71 7.42
N LEU A 342 3.91 -21.10 8.51
CA LEU A 342 2.66 -21.83 8.44
C LEU A 342 1.45 -20.94 8.55
N PHE A 343 1.62 -19.63 8.70
CA PHE A 343 0.49 -18.71 8.83
C PHE A 343 0.53 -17.63 7.76
N GLU A 344 1.34 -17.82 6.72
CA GLU A 344 1.43 -16.89 5.59
C GLU A 344 0.49 -17.41 4.50
N ASN A 345 -0.67 -16.78 4.36
CA ASN A 345 -1.60 -17.11 3.27
C ASN A 345 -2.45 -15.89 3.00
N ASN A 346 -2.08 -15.14 1.97
CA ASN A 346 -2.76 -13.91 1.57
C ASN A 346 -4.04 -14.16 0.78
N GLU A 347 -4.29 -15.39 0.35
CA GLU A 347 -5.44 -15.71 -0.48
C GLU A 347 -6.69 -16.03 0.33
N ILE A 348 -6.71 -15.68 1.61
CA ILE A 348 -7.83 -16.01 2.50
C ILE A 348 -8.71 -14.78 2.66
N ASN A 349 -9.98 -14.92 2.28
CA ASN A 349 -10.91 -13.79 2.42
C ASN A 349 -11.20 -13.53 3.88
N ASP A 350 -11.67 -14.55 4.60
CA ASP A 350 -12.05 -14.41 6.00
C ASP A 350 -11.49 -15.59 6.78
N PRO A 351 -10.45 -15.40 7.59
CA PRO A 351 -9.90 -16.53 8.34
C PRO A 351 -10.90 -17.12 9.32
N THR A 352 -11.88 -16.34 9.78
CA THR A 352 -12.89 -16.87 10.70
C THR A 352 -13.93 -17.70 9.98
N ASN A 353 -14.04 -17.56 8.66
CA ASN A 353 -15.03 -18.28 7.87
C ASN A 353 -14.34 -18.84 6.62
N MET A 354 -13.41 -19.75 6.86
CA MET A 354 -12.58 -20.28 5.79
C MET A 354 -13.29 -21.37 5.02
N THR A 355 -13.09 -21.37 3.70
CA THR A 355 -13.69 -22.37 2.85
C THR A 355 -12.92 -23.68 2.92
N ASP A 356 -13.54 -24.73 2.39
CA ASP A 356 -12.91 -26.04 2.42
C ASP A 356 -11.54 -26.01 1.75
N GLU A 357 -11.43 -25.32 0.61
CA GLU A 357 -10.12 -25.17 -0.02
C GLU A 357 -9.17 -24.43 0.92
N GLU A 358 -9.59 -23.27 1.43
CA GLU A 358 -8.75 -22.50 2.35
C GLU A 358 -8.38 -23.33 3.58
N ARG A 359 -9.31 -24.13 4.09
CA ARG A 359 -8.99 -24.95 5.25
C ARG A 359 -7.93 -25.99 4.92
N ASN A 360 -8.01 -26.60 3.74
CA ASN A 360 -7.01 -27.59 3.35
C ASN A 360 -5.66 -26.93 3.05
N ALA A 361 -5.65 -25.66 2.64
CA ALA A 361 -4.40 -25.00 2.30
C ALA A 361 -3.69 -24.47 3.55
N SER A 362 -4.44 -23.89 4.48
CA SER A 362 -3.87 -23.30 5.70
C SER A 362 -4.67 -23.76 6.91
N PRO A 363 -4.51 -25.02 7.31
CA PRO A 363 -5.35 -25.55 8.39
C PRO A 363 -5.06 -24.95 9.76
N LEU A 364 -3.80 -24.60 10.05
CA LEU A 364 -3.50 -23.98 11.35
C LEU A 364 -4.21 -22.65 11.50
N ILE A 365 -4.28 -21.89 10.40
CA ILE A 365 -5.00 -20.63 10.43
C ILE A 365 -6.45 -20.86 10.83
N TYR A 366 -7.07 -21.88 10.23
CA TYR A 366 -8.42 -22.25 10.60
C TYR A 366 -8.52 -22.59 12.08
N LEU A 367 -7.58 -23.40 12.58
CA LEU A 367 -7.66 -23.86 13.97
C LEU A 367 -7.54 -22.72 14.95
N VAL A 368 -6.84 -21.64 14.59
CA VAL A 368 -6.71 -20.53 15.52
C VAL A 368 -7.77 -19.44 15.31
N TRP A 369 -8.44 -19.41 14.15
CA TRP A 369 -9.33 -18.28 13.87
C TRP A 369 -10.80 -18.64 13.80
N ASN A 370 -11.16 -19.91 13.65
CA ASN A 370 -12.53 -20.28 13.32
C ASN A 370 -13.50 -19.71 14.34
N ARG A 371 -14.57 -19.14 13.84
CA ARG A 371 -15.68 -18.77 14.69
C ARG A 371 -16.89 -19.53 14.23
N TRP A 372 -17.59 -20.07 15.20
CA TRP A 372 -18.69 -20.93 14.89
C TRP A 372 -19.96 -20.10 14.69
N ASN A 373 -20.91 -20.68 13.95
CA ASN A 373 -22.29 -20.15 13.80
C ASN A 373 -23.20 -21.36 13.49
N GLU A 374 -24.47 -21.15 13.16
CA GLU A 374 -25.35 -22.30 12.95
C GLU A 374 -25.13 -22.98 11.62
N SER A 375 -24.84 -22.23 10.56
CA SER A 375 -24.54 -22.91 9.30
C SER A 375 -23.42 -23.92 9.49
N LYS A 376 -22.48 -23.65 10.42
CA LYS A 376 -21.45 -24.64 10.71
C LYS A 376 -21.95 -25.70 11.68
N GLU A 377 -22.90 -25.36 12.55
CA GLU A 377 -23.52 -26.40 13.36
C GLU A 377 -24.36 -27.31 12.46
N VAL A 378 -23.76 -28.40 11.99
CA VAL A 378 -24.46 -29.40 11.21
C VAL A 378 -24.06 -30.77 11.76
N GLU A 379 -24.99 -31.72 11.66
CA GLU A 379 -24.76 -33.06 12.21
C GLU A 379 -23.41 -33.63 11.81
N ASN A 380 -22.85 -33.15 10.70
CA ASN A 380 -21.61 -33.67 10.13
C ASN A 380 -20.38 -33.20 10.91
N ALA A 381 -20.48 -32.05 11.58
CA ALA A 381 -19.28 -31.29 11.92
C ALA A 381 -18.46 -31.98 12.99
N ARG A 382 -19.08 -32.23 14.15
CA ARG A 382 -18.38 -32.69 15.34
C ARG A 382 -19.11 -33.91 15.91
N PRO A 383 -18.81 -35.09 15.40
CA PRO A 383 -19.41 -36.30 15.98
C PRO A 383 -19.00 -36.50 17.44
N GLY A 384 -19.91 -37.07 18.22
CA GLY A 384 -19.57 -37.44 19.58
C GLY A 384 -19.06 -38.85 19.72
N LYS A 385 -18.80 -39.53 18.61
CA LYS A 385 -18.26 -40.88 18.64
C LYS A 385 -17.72 -41.17 17.26
N TYR A 386 -16.55 -41.79 17.23
CA TYR A 386 -15.86 -42.01 15.98
C TYR A 386 -15.01 -43.26 16.18
N ASN A 387 -15.15 -44.22 15.26
CA ASN A 387 -14.35 -45.45 15.31
C ASN A 387 -14.46 -46.15 16.66
N GLY A 388 -15.63 -46.10 17.26
CA GLY A 388 -15.89 -46.81 18.49
C GLY A 388 -15.59 -46.08 19.78
N TYR A 389 -14.95 -44.91 19.74
CA TYR A 389 -14.63 -44.21 20.97
C TYR A 389 -15.35 -42.88 21.04
N PHE A 390 -15.65 -42.46 22.27
CA PHE A 390 -16.30 -41.17 22.46
C PHE A 390 -15.33 -40.03 22.19
N VAL A 391 -15.86 -38.94 21.64
CA VAL A 391 -15.10 -37.74 21.36
C VAL A 391 -15.77 -36.58 22.08
N THR A 392 -15.00 -35.87 22.88
CA THR A 392 -15.47 -34.69 23.59
C THR A 392 -14.64 -33.50 23.15
N TYR A 393 -15.30 -32.39 22.86
CA TYR A 393 -14.65 -31.19 22.36
C TYR A 393 -14.68 -30.13 23.46
N VAL A 394 -13.54 -29.52 23.72
CA VAL A 394 -13.45 -28.41 24.67
C VAL A 394 -12.66 -27.30 23.99
N HIS A 395 -13.19 -26.08 24.01
CA HIS A 395 -12.48 -25.00 23.35
C HIS A 395 -12.71 -23.70 24.11
N GLY A 396 -11.91 -22.70 23.75
CA GLY A 396 -12.02 -21.38 24.33
C GLY A 396 -13.30 -20.67 23.92
N HIS A 397 -13.60 -19.60 24.66
CA HIS A 397 -14.88 -18.92 24.51
C HIS A 397 -15.15 -18.54 23.06
N ASP A 398 -16.34 -18.93 22.58
CA ASP A 398 -16.84 -18.55 21.26
C ASP A 398 -18.28 -18.14 21.45
N PRO A 399 -18.70 -17.03 20.84
CA PRO A 399 -20.05 -16.51 21.09
C PRO A 399 -21.15 -17.54 20.84
N PHE A 400 -21.05 -18.32 19.77
CA PHE A 400 -22.07 -19.32 19.49
C PHE A 400 -22.06 -20.41 20.56
N GLN A 401 -23.24 -20.81 21.00
CA GLN A 401 -23.40 -21.78 22.06
C GLN A 401 -24.03 -23.04 21.49
N SER A 402 -23.20 -24.03 21.22
CA SER A 402 -23.67 -25.28 20.67
C SER A 402 -24.49 -26.04 21.71
N PRO A 403 -25.61 -26.65 21.30
CA PRO A 403 -26.41 -27.44 22.23
C PRO A 403 -25.88 -28.85 22.47
N LEU A 404 -24.84 -29.29 21.76
CA LEU A 404 -24.27 -30.61 22.04
C LEU A 404 -23.81 -30.69 23.49
N THR A 405 -24.07 -31.85 24.11
CA THR A 405 -23.67 -32.08 25.49
C THR A 405 -22.23 -32.52 25.61
N TYR A 406 -21.58 -32.87 24.51
CA TYR A 406 -20.17 -33.22 24.55
C TYR A 406 -19.29 -32.10 24.03
N VAL A 407 -19.86 -30.91 23.84
CA VAL A 407 -19.11 -29.73 23.41
C VAL A 407 -19.08 -28.74 24.57
N TYR A 408 -17.91 -28.20 24.87
CA TYR A 408 -17.71 -27.31 26.02
C TYR A 408 -17.09 -26.00 25.55
N ASN A 409 -17.82 -24.92 25.77
CA ASN A 409 -17.47 -23.58 25.34
C ASN A 409 -17.10 -22.81 26.61
N LEU A 410 -15.81 -22.62 26.84
CA LEU A 410 -15.34 -22.18 28.15
C LEU A 410 -15.13 -20.67 28.24
N ASP A 411 -15.83 -20.06 29.19
CA ASP A 411 -15.54 -18.72 29.68
C ASP A 411 -15.04 -18.89 31.12
N THR A 412 -13.85 -19.48 31.27
CA THR A 412 -13.39 -19.89 32.59
C THR A 412 -12.72 -18.77 33.38
N ASN B 11 -20.14 22.54 -34.79
CA ASN B 11 -19.47 21.31 -34.37
C ASN B 11 -18.87 20.59 -35.58
N ILE B 12 -17.57 20.31 -35.54
CA ILE B 12 -16.90 19.71 -36.69
C ILE B 12 -17.14 18.20 -36.70
N ASP B 13 -16.93 17.59 -37.86
CA ASP B 13 -16.90 16.15 -38.03
C ASP B 13 -15.44 15.79 -38.32
N ILE B 14 -14.71 15.37 -37.29
CA ILE B 14 -13.28 15.08 -37.44
C ILE B 14 -12.99 13.78 -38.14
N TYR B 15 -13.99 12.90 -38.28
CA TYR B 15 -13.81 11.59 -38.90
C TYR B 15 -13.97 11.61 -40.42
N ASN B 16 -14.12 12.79 -41.01
CA ASN B 16 -14.12 12.94 -42.45
C ASN B 16 -13.33 14.18 -42.82
N TYR B 17 -12.76 14.14 -44.02
CA TYR B 17 -11.97 15.25 -44.51
C TYR B 17 -12.81 16.52 -44.46
N PRO B 18 -12.27 17.64 -43.96
CA PRO B 18 -13.10 18.82 -43.76
C PRO B 18 -13.56 19.41 -45.08
N ASN B 19 -14.84 19.74 -45.15
CA ASN B 19 -15.35 20.54 -46.25
C ASN B 19 -15.39 22.03 -45.90
N GLU B 20 -15.39 22.36 -44.61
CA GLU B 20 -15.27 23.73 -44.16
C GLU B 20 -13.81 24.12 -44.02
N PHE B 21 -13.52 25.39 -44.27
CA PHE B 21 -12.19 25.92 -44.08
C PHE B 21 -12.30 27.34 -43.56
N GLU B 22 -11.40 27.72 -42.64
CA GLU B 22 -11.41 29.04 -42.06
C GLU B 22 -10.00 29.58 -41.94
N ASP B 23 -9.81 30.83 -42.33
CA ASP B 23 -8.51 31.46 -42.25
C ASP B 23 -8.16 31.76 -40.79
N ASN B 24 -6.92 32.20 -40.58
CA ASN B 24 -6.41 32.49 -39.26
C ASN B 24 -6.16 33.99 -39.13
N LEU B 25 -6.20 34.49 -37.90
CA LEU B 25 -5.87 35.88 -37.65
C LEU B 25 -4.58 35.96 -36.84
N GLY B 26 -3.54 35.29 -37.30
CA GLY B 26 -2.25 35.30 -36.64
C GLY B 26 -2.00 34.04 -35.83
N SER B 27 -2.87 33.76 -34.87
CA SER B 27 -2.70 32.63 -33.97
C SER B 27 -3.91 31.71 -34.07
N ILE B 28 -3.72 30.49 -33.61
CA ILE B 28 -4.76 29.46 -33.70
C ILE B 28 -4.59 28.50 -32.52
N SER B 29 -5.69 28.25 -31.79
CA SER B 29 -5.63 27.46 -30.56
C SER B 29 -6.58 26.26 -30.61
N LEU B 30 -6.06 25.11 -30.19
CA LEU B 30 -6.85 23.88 -30.09
C LEU B 30 -7.09 23.56 -28.62
N GLY B 31 -8.35 23.43 -28.24
CA GLY B 31 -8.76 23.31 -26.86
C GLY B 31 -8.66 21.92 -26.25
N ASP B 32 -9.23 20.91 -26.89
CA ASP B 32 -9.31 19.57 -26.32
C ASP B 32 -8.71 18.55 -27.29
N LEU B 33 -7.45 18.16 -27.07
CA LEU B 33 -6.89 17.13 -27.93
C LEU B 33 -7.41 15.74 -27.55
N HIS B 34 -7.35 15.40 -26.25
CA HIS B 34 -7.69 14.07 -25.73
C HIS B 34 -6.82 12.97 -26.33
N GLY B 35 -5.56 13.28 -26.60
CA GLY B 35 -4.68 12.31 -27.24
C GLY B 35 -5.19 11.69 -28.52
N ASN B 36 -5.98 12.43 -29.32
CA ASN B 36 -6.61 11.92 -30.53
C ASN B 36 -5.93 12.57 -31.74
N ALA B 37 -5.17 11.78 -32.50
CA ALA B 37 -4.47 12.31 -33.67
C ALA B 37 -5.40 12.70 -34.81
N ILE B 38 -6.60 12.10 -34.87
CA ILE B 38 -7.59 12.50 -35.85
C ILE B 38 -8.05 13.94 -35.59
N LYS B 39 -8.29 14.30 -34.34
CA LYS B 39 -8.67 15.67 -34.03
C LYS B 39 -7.58 16.66 -34.47
N LEU B 40 -6.32 16.29 -34.28
CA LEU B 40 -5.23 17.20 -34.61
C LEU B 40 -5.01 17.30 -36.12
N ILE B 41 -5.10 16.17 -36.83
CA ILE B 41 -5.01 16.20 -38.28
C ILE B 41 -6.17 16.98 -38.89
N HIS B 42 -7.40 16.72 -38.42
CA HIS B 42 -8.54 17.48 -38.93
C HIS B 42 -8.35 18.96 -38.63
N PHE B 43 -7.87 19.26 -37.43
CA PHE B 43 -7.67 20.65 -37.02
C PHE B 43 -6.65 21.34 -37.91
N LEU B 44 -5.55 20.66 -38.22
CA LEU B 44 -4.56 21.22 -39.13
C LEU B 44 -5.12 21.41 -40.52
N PHE B 45 -6.00 20.49 -40.96
CA PHE B 45 -6.55 20.59 -42.31
C PHE B 45 -7.52 21.76 -42.42
N ARG B 46 -8.46 21.90 -41.46
CA ARG B 46 -9.50 22.92 -41.58
C ARG B 46 -8.92 24.32 -41.52
N HIS B 47 -7.83 24.50 -40.77
CA HIS B 47 -7.16 25.79 -40.70
C HIS B 47 -6.06 25.92 -41.74
N LYS B 48 -5.95 24.95 -42.65
CA LYS B 48 -5.11 25.02 -43.84
C LYS B 48 -3.62 25.10 -43.50
N ILE B 49 -3.22 24.59 -42.33
CA ILE B 49 -1.79 24.47 -42.04
C ILE B 49 -1.15 23.40 -42.92
N ILE B 50 -1.82 22.26 -43.08
CA ILE B 50 -1.34 21.20 -43.96
C ILE B 50 -2.30 21.03 -45.14
N LYS B 51 -1.79 20.40 -46.19
CA LYS B 51 -2.61 20.06 -47.34
C LYS B 51 -2.12 18.72 -47.89
N PHE B 52 -2.98 18.08 -48.67
CA PHE B 52 -2.54 16.90 -49.42
C PHE B 52 -1.73 17.32 -50.63
N LYS B 53 -0.77 16.48 -50.99
CA LYS B 53 0.04 16.75 -52.18
C LYS B 53 -0.82 16.70 -53.43
N THR B 54 -0.32 17.35 -54.49
CA THR B 54 -1.09 17.47 -55.73
C THR B 54 -1.48 16.11 -56.27
N GLU B 55 -0.55 15.15 -56.26
CA GLU B 55 -0.77 13.84 -56.82
C GLU B 55 -1.88 13.05 -56.12
N ILE B 56 -2.34 13.47 -54.94
CA ILE B 56 -3.47 12.81 -54.30
C ILE B 56 -4.75 13.36 -54.91
N ILE B 57 -5.57 12.48 -55.48
CA ILE B 57 -6.79 12.95 -56.11
C ILE B 57 -7.88 13.05 -55.05
N ASN B 58 -8.31 11.91 -54.53
CA ASN B 58 -9.42 11.90 -53.57
C ASN B 58 -8.86 12.22 -52.19
N PHE B 59 -9.07 13.45 -51.73
CA PHE B 59 -8.65 13.82 -50.38
C PHE B 59 -9.48 13.07 -49.34
N HIS B 60 -10.77 12.94 -49.59
CA HIS B 60 -11.66 12.27 -48.65
C HIS B 60 -11.19 10.85 -48.37
N GLU B 61 -10.87 10.10 -49.44
CA GLU B 61 -10.48 8.70 -49.27
C GLU B 61 -9.12 8.58 -48.58
N ALA B 62 -8.16 9.42 -48.97
CA ALA B 62 -6.86 9.42 -48.31
C ALA B 62 -7.00 9.70 -46.81
N TYR B 63 -7.88 10.64 -46.45
CA TYR B 63 -8.18 10.91 -45.06
C TYR B 63 -8.76 9.67 -44.38
N GLN B 64 -9.71 9.02 -45.05
CA GLN B 64 -10.35 7.84 -44.47
C GLN B 64 -9.33 6.74 -44.19
N GLN B 65 -8.26 6.65 -44.97
CA GLN B 65 -7.19 5.69 -44.68
C GLN B 65 -6.68 5.87 -43.26
N PHE B 66 -6.24 7.09 -42.94
CA PHE B 66 -5.71 7.37 -41.62
C PHE B 66 -6.75 7.09 -40.54
N VAL B 67 -8.00 7.52 -40.74
CA VAL B 67 -8.95 7.30 -39.65
C VAL B 67 -9.14 5.81 -39.39
N THR B 68 -9.14 4.99 -40.44
CA THR B 68 -9.40 3.56 -40.25
C THR B 68 -8.23 2.88 -39.56
N ILE B 69 -7.00 3.27 -39.89
CA ILE B 69 -5.87 2.73 -39.13
C ILE B 69 -5.94 3.20 -37.69
N TYR B 70 -6.47 4.40 -37.46
CA TYR B 70 -6.54 4.95 -36.10
C TYR B 70 -7.49 4.14 -35.23
N GLU B 71 -8.64 3.75 -35.78
CA GLU B 71 -9.59 3.04 -34.94
C GLU B 71 -9.20 1.57 -34.76
N GLN B 72 -8.68 0.93 -35.81
CA GLN B 72 -8.22 -0.43 -35.60
C GLN B 72 -7.07 -0.47 -34.59
N TYR B 73 -6.15 0.50 -34.67
CA TYR B 73 -5.07 0.56 -33.70
C TYR B 73 -5.62 0.78 -32.31
N ASP B 74 -6.69 1.58 -32.19
CA ASP B 74 -7.33 1.75 -30.90
C ASP B 74 -7.75 0.41 -30.30
N ASP B 75 -8.47 -0.40 -31.09
CA ASP B 75 -8.93 -1.69 -30.57
C ASP B 75 -7.75 -2.58 -30.16
N MET B 76 -6.67 -2.56 -30.94
CA MET B 76 -5.47 -3.28 -30.52
C MET B 76 -4.96 -2.79 -29.17
N VAL B 77 -5.01 -1.47 -28.93
CA VAL B 77 -4.55 -0.96 -27.64
C VAL B 77 -5.42 -1.47 -26.50
N GLN B 78 -6.75 -1.50 -26.70
CA GLN B 78 -7.63 -2.06 -25.68
C GLN B 78 -7.23 -3.51 -25.36
N GLU B 79 -6.99 -4.31 -26.40
CA GLU B 79 -6.52 -5.67 -26.14
C GLU B 79 -5.25 -5.67 -25.29
N TYR B 80 -4.29 -4.81 -25.64
CA TYR B 80 -3.07 -4.71 -24.87
C TYR B 80 -3.36 -4.37 -23.41
N LEU B 81 -4.38 -3.56 -23.15
CA LEU B 81 -4.71 -3.20 -21.78
C LEU B 81 -5.19 -4.41 -21.01
N GLU B 82 -6.19 -5.12 -21.55
CA GLU B 82 -6.61 -6.37 -20.93
C GLU B 82 -5.40 -7.24 -20.57
N ILE B 83 -4.54 -7.47 -21.57
CA ILE B 83 -3.36 -8.33 -21.35
C ILE B 83 -2.53 -7.83 -20.17
N ARG B 84 -2.25 -6.52 -20.13
CA ARG B 84 -1.29 -6.00 -19.14
C ARG B 84 -1.86 -6.06 -17.72
N THR B 85 -3.15 -5.74 -17.56
CA THR B 85 -3.79 -5.93 -16.26
C THR B 85 -3.68 -7.39 -15.81
N LEU B 86 -4.02 -8.32 -16.70
CA LEU B 86 -3.90 -9.73 -16.36
C LEU B 86 -2.48 -10.08 -15.90
N LEU B 87 -1.48 -9.73 -16.71
CA LEU B 87 -0.10 -10.06 -16.38
C LEU B 87 0.33 -9.42 -15.07
N GLN B 88 -0.13 -8.21 -14.77
CA GLN B 88 0.21 -7.60 -13.49
C GLN B 88 -0.28 -8.46 -12.34
N LEU B 89 -1.53 -8.91 -12.40
CA LEU B 89 -2.02 -9.80 -11.34
C LEU B 89 -1.16 -11.06 -11.25
N ILE B 90 -0.95 -11.73 -12.39
CA ILE B 90 -0.23 -13.00 -12.37
C ILE B 90 1.17 -12.82 -11.82
N GLN B 91 1.80 -11.68 -12.13
CA GLN B 91 3.14 -11.42 -11.63
C GLN B 91 3.11 -11.11 -10.14
N ILE B 92 1.98 -10.63 -9.62
CA ILE B 92 1.87 -10.51 -8.16
C ILE B 92 1.89 -11.90 -7.53
N LYS B 93 1.15 -12.85 -8.11
CA LYS B 93 1.25 -14.21 -7.61
C LYS B 93 2.69 -14.74 -7.71
N ILE B 94 3.38 -14.41 -8.81
CA ILE B 94 4.72 -14.94 -9.05
C ILE B 94 5.73 -14.34 -8.08
N THR B 95 5.67 -13.03 -7.83
CA THR B 95 6.56 -12.46 -6.82
C THR B 95 6.25 -13.05 -5.45
N ASN B 96 4.96 -13.20 -5.12
CA ASN B 96 4.59 -13.78 -3.82
C ASN B 96 5.27 -15.14 -3.61
N ALA B 97 4.98 -16.12 -4.48
CA ALA B 97 5.63 -17.44 -4.42
C ALA B 97 7.15 -17.32 -4.37
N GLN B 98 7.72 -16.82 -5.45
CA GLN B 98 9.17 -16.73 -5.60
C GLN B 98 9.85 -16.30 -4.29
N GLN B 99 9.36 -15.22 -3.64
CA GLN B 99 9.92 -14.73 -2.39
C GLN B 99 9.91 -15.78 -1.28
N ARG B 100 9.01 -16.73 -1.38
CA ARG B 100 8.90 -17.76 -0.37
C ARG B 100 9.65 -19.07 -0.65
N ILE B 101 9.67 -19.51 -1.91
CA ILE B 101 10.57 -20.61 -2.29
C ILE B 101 12.00 -20.16 -1.92
N LEU B 102 12.29 -18.86 -2.10
CA LEU B 102 13.59 -18.33 -1.72
C LEU B 102 13.71 -18.21 -0.20
N ASP B 103 12.61 -17.86 0.46
CA ASP B 103 12.63 -17.67 1.91
C ASP B 103 12.96 -18.98 2.62
N ILE B 104 12.16 -20.02 2.36
CA ILE B 104 12.37 -21.36 2.89
C ILE B 104 13.71 -21.92 2.43
N GLU B 105 14.02 -21.75 1.14
CA GLU B 105 15.29 -22.25 0.61
C GLU B 105 16.47 -21.69 1.40
N GLN B 106 16.42 -20.40 1.74
CA GLN B 106 17.44 -19.79 2.60
C GLN B 106 17.48 -20.48 3.96
N LYS B 107 16.32 -20.95 4.46
CA LYS B 107 16.30 -21.61 5.76
C LYS B 107 16.82 -23.04 5.66
N LEU B 108 16.48 -23.73 4.56
CA LEU B 108 17.08 -25.04 4.31
C LEU B 108 18.59 -24.92 4.11
N SER B 109 19.04 -23.82 3.48
CA SER B 109 20.48 -23.59 3.40
C SER B 109 21.06 -23.28 4.77
N LEU B 110 20.34 -22.53 5.59
CA LEU B 110 20.77 -22.34 6.98
C LEU B 110 20.76 -23.66 7.75
N ALA B 111 19.91 -24.61 7.37
CA ALA B 111 19.77 -25.83 8.15
C ALA B 111 21.10 -26.56 8.30
N THR B 112 21.34 -27.08 9.51
CA THR B 112 22.52 -27.90 9.76
C THR B 112 22.35 -29.29 9.15
N ASP B 113 23.48 -29.99 9.03
CA ASP B 113 23.41 -31.42 8.75
C ASP B 113 22.62 -32.14 9.84
N HIS B 114 22.53 -31.53 11.03
CA HIS B 114 21.88 -32.13 12.18
C HIS B 114 20.37 -32.18 12.05
N GLN B 115 19.79 -31.57 11.03
CA GLN B 115 18.36 -31.49 10.88
C GLN B 115 17.90 -32.44 9.78
N LYS B 116 17.30 -33.57 10.19
CA LYS B 116 16.62 -34.50 9.29
C LYS B 116 15.12 -34.21 9.22
N GLU B 117 14.45 -34.22 10.37
CA GLU B 117 13.01 -33.98 10.42
C GLU B 117 12.68 -32.55 10.03
N PHE B 118 13.48 -31.60 10.52
CA PHE B 118 13.33 -30.20 10.18
C PHE B 118 13.35 -30.00 8.66
N SER B 119 14.42 -30.44 8.00
CA SER B 119 14.52 -30.31 6.55
C SER B 119 13.37 -31.03 5.85
N GLN B 120 13.00 -32.21 6.36
CA GLN B 120 11.85 -32.92 5.79
C GLN B 120 10.60 -32.05 5.78
N SER B 121 10.27 -31.45 6.92
CA SER B 121 9.07 -30.62 7.00
C SER B 121 9.16 -29.44 6.05
N LEU B 122 10.33 -28.82 5.93
CA LEU B 122 10.44 -27.62 5.10
C LEU B 122 10.34 -27.94 3.61
N LEU B 123 10.92 -29.05 3.18
CA LEU B 123 10.71 -29.50 1.80
C LEU B 123 9.24 -29.79 1.57
N GLN B 124 8.63 -30.57 2.47
CA GLN B 124 7.23 -30.93 2.36
C GLN B 124 6.37 -29.69 2.18
N LEU B 125 6.70 -28.61 2.90
CA LEU B 125 5.93 -27.38 2.84
C LEU B 125 6.30 -26.52 1.63
N LYS B 126 7.52 -26.66 1.11
CA LYS B 126 7.86 -25.99 -0.14
C LYS B 126 6.99 -26.49 -1.29
N LYS B 127 6.72 -27.80 -1.32
CA LYS B 127 6.05 -28.38 -2.50
C LYS B 127 4.83 -27.61 -2.99
N PRO B 128 3.81 -27.30 -2.18
CA PRO B 128 2.60 -26.67 -2.73
C PRO B 128 2.86 -25.32 -3.37
N ILE B 129 3.69 -24.49 -2.76
CA ILE B 129 4.00 -23.18 -3.32
C ILE B 129 4.69 -23.33 -4.66
N GLU B 130 5.51 -24.37 -4.82
CA GLU B 130 6.16 -24.59 -6.12
C GLU B 130 5.14 -24.99 -7.16
N ALA B 131 4.18 -25.85 -6.80
CA ALA B 131 3.10 -26.16 -7.74
C ALA B 131 2.38 -24.89 -8.19
N ASN B 132 2.00 -24.05 -7.23
CA ASN B 132 1.32 -22.80 -7.59
C ASN B 132 2.19 -21.93 -8.48
N LEU B 133 3.49 -21.84 -8.17
CA LEU B 133 4.41 -21.05 -8.97
C LEU B 133 4.49 -21.56 -10.39
N GLN B 134 4.42 -22.88 -10.57
CA GLN B 134 4.49 -23.43 -11.93
C GLN B 134 3.22 -23.10 -12.70
N MET B 135 2.05 -23.34 -12.08
CA MET B 135 0.79 -23.01 -12.76
C MET B 135 0.71 -21.53 -13.12
N ALA B 136 1.14 -20.65 -12.20
CA ALA B 136 1.11 -19.23 -12.49
C ALA B 136 2.06 -18.86 -13.62
N GLU B 137 3.29 -19.38 -13.56
CA GLU B 137 4.25 -19.11 -14.64
C GLU B 137 3.72 -19.54 -15.99
N LYS B 138 2.99 -20.66 -16.04
CA LYS B 138 2.36 -21.06 -17.29
C LYS B 138 1.31 -20.04 -17.73
N SER B 139 0.39 -19.69 -16.81
CA SER B 139 -0.61 -18.66 -17.11
C SER B 139 0.03 -17.42 -17.71
N LYS B 140 1.17 -17.00 -17.17
CA LYS B 140 1.89 -15.86 -17.75
C LYS B 140 2.38 -16.18 -19.15
N ALA B 141 3.00 -17.34 -19.33
CA ALA B 141 3.58 -17.68 -20.63
C ALA B 141 2.55 -17.61 -21.74
N GLY B 142 1.32 -18.06 -21.47
CA GLY B 142 0.29 -18.01 -22.50
C GLY B 142 0.00 -16.59 -22.96
N LEU B 143 -0.20 -15.69 -22.01
CA LEU B 143 -0.51 -14.32 -22.36
C LEU B 143 0.66 -13.62 -23.02
N GLU B 144 1.89 -13.99 -22.65
CA GLU B 144 3.05 -13.48 -23.39
C GLU B 144 2.97 -13.89 -24.86
N GLU B 145 2.65 -15.16 -25.10
CA GLU B 145 2.48 -15.66 -26.47
C GLU B 145 1.43 -14.85 -27.23
N LYS B 146 0.29 -14.59 -26.60
CA LYS B 146 -0.72 -13.76 -27.26
C LYS B 146 -0.18 -12.35 -27.52
N LEU B 147 0.58 -11.81 -26.57
CA LEU B 147 1.01 -10.42 -26.64
C LEU B 147 1.90 -10.18 -27.86
N SER B 148 2.92 -11.02 -28.02
CA SER B 148 3.68 -10.94 -29.27
C SER B 148 2.86 -11.42 -30.47
N GLY B 149 1.80 -12.20 -30.22
CA GLY B 149 0.79 -12.46 -31.23
C GLY B 149 0.07 -11.20 -31.69
N LEU B 150 0.20 -10.10 -30.95
CA LEU B 150 -0.22 -8.78 -31.40
C LEU B 150 0.96 -7.96 -31.93
N LYS B 151 2.15 -8.20 -31.36
CA LYS B 151 3.38 -7.62 -31.89
C LYS B 151 3.54 -7.90 -33.38
N THR B 152 3.08 -9.07 -33.84
CA THR B 152 3.20 -9.38 -35.26
C THR B 152 2.29 -8.52 -36.12
N ARG B 153 1.29 -7.86 -35.53
CA ARG B 153 0.31 -7.10 -36.28
C ARG B 153 0.53 -5.59 -36.26
N LEU B 154 1.11 -5.05 -35.18
CA LEU B 154 1.37 -3.60 -35.15
C LEU B 154 2.12 -3.03 -36.36
N PRO B 155 3.18 -3.68 -36.88
CA PRO B 155 3.95 -3.04 -37.96
C PRO B 155 3.16 -2.74 -39.22
N SER B 156 2.10 -3.50 -39.50
CA SER B 156 1.19 -3.14 -40.59
C SER B 156 0.61 -1.75 -40.37
N CYS B 157 -0.01 -1.55 -39.20
CA CYS B 157 -0.61 -0.25 -38.88
C CYS B 157 0.39 0.89 -39.03
N ILE B 158 1.61 0.70 -38.52
CA ILE B 158 2.54 1.83 -38.57
C ILE B 158 3.06 2.07 -39.98
N GLU B 159 3.23 0.99 -40.77
CA GLU B 159 3.65 1.17 -42.16
C GLU B 159 2.66 2.06 -42.90
N ARG B 160 1.36 1.77 -42.77
CA ARG B 160 0.39 2.58 -43.47
C ARG B 160 0.28 3.99 -42.89
N PHE B 161 0.50 4.14 -41.57
CA PHE B 161 0.61 5.50 -41.04
C PHE B 161 1.72 6.28 -41.74
N ASN B 162 2.85 5.62 -41.97
CA ASN B 162 3.95 6.28 -42.68
C ASN B 162 3.55 6.64 -44.11
N LYS B 163 2.82 5.75 -44.80
CA LYS B 163 2.32 6.12 -46.12
C LYS B 163 1.45 7.39 -46.05
N PHE B 164 0.49 7.41 -45.13
CA PHE B 164 -0.33 8.62 -44.99
C PHE B 164 0.56 9.83 -44.78
N MET B 165 1.58 9.72 -43.92
CA MET B 165 2.40 10.89 -43.64
C MET B 165 3.15 11.35 -44.88
N THR B 166 3.54 10.42 -45.76
CA THR B 166 4.21 10.83 -46.99
C THR B 166 3.25 11.60 -47.91
N GLN B 167 1.94 11.39 -47.74
CA GLN B 167 1.01 12.10 -48.64
C GLN B 167 0.79 13.58 -48.29
N ILE B 168 1.17 14.03 -47.09
CA ILE B 168 0.86 15.41 -46.72
C ILE B 168 2.03 16.32 -47.10
N GLU B 169 1.75 17.63 -47.10
CA GLU B 169 2.78 18.64 -47.18
C GLU B 169 2.24 19.91 -46.53
N ILE B 170 3.14 20.84 -46.24
CA ILE B 170 2.79 22.06 -45.52
C ILE B 170 2.13 23.04 -46.47
N ASN B 171 1.20 23.85 -45.92
CA ASN B 171 0.48 24.84 -46.69
C ASN B 171 0.69 26.23 -46.10
N ASP B 172 0.15 26.51 -44.93
CA ASP B 172 0.34 27.78 -44.24
C ASP B 172 1.45 27.65 -43.20
N ILE B 173 2.38 28.60 -43.21
CA ILE B 173 3.57 28.55 -42.36
C ILE B 173 3.73 29.85 -41.60
N LYS B 174 2.76 30.75 -41.71
CA LYS B 174 2.80 32.04 -41.02
C LYS B 174 1.76 32.11 -39.90
N THR B 175 1.38 30.97 -39.34
CA THR B 175 0.39 30.92 -38.28
C THR B 175 0.97 30.18 -37.08
N LEU B 176 0.73 30.72 -35.88
CA LEU B 176 1.15 30.05 -34.65
C LEU B 176 0.01 29.18 -34.14
N ILE B 177 0.33 27.93 -33.82
CA ILE B 177 -0.64 26.97 -33.30
C ILE B 177 -0.37 26.77 -31.81
N ARG B 178 -1.44 26.82 -31.01
CA ARG B 178 -1.32 26.62 -29.58
C ARG B 178 -2.21 25.48 -29.14
N LEU B 179 -1.60 24.45 -28.55
CA LEU B 179 -2.32 23.31 -28.00
C LEU B 179 -2.45 23.48 -26.50
N LEU B 180 -3.68 23.60 -26.02
CA LEU B 180 -3.95 23.91 -24.62
C LEU B 180 -3.75 22.74 -23.67
N GLY B 181 -3.39 21.56 -24.15
CA GLY B 181 -3.05 20.46 -23.27
C GLY B 181 -3.76 19.17 -23.65
N ASP B 182 -3.48 18.14 -22.85
CA ASP B 182 -4.02 16.79 -23.04
C ASP B 182 -3.74 16.29 -24.45
N GLU B 183 -2.56 16.64 -24.96
CA GLU B 183 -2.13 16.18 -26.28
C GLU B 183 -1.61 14.75 -26.26
N VAL B 184 -1.24 14.23 -25.09
CA VAL B 184 -0.68 12.90 -24.95
C VAL B 184 -1.20 12.31 -23.65
N ALA B 185 -1.07 10.99 -23.55
CA ALA B 185 -1.50 10.25 -22.36
C ALA B 185 -2.95 10.60 -22.00
N ASP B 186 -3.83 10.46 -22.98
CA ASP B 186 -5.25 10.72 -22.76
C ASP B 186 -6.00 9.54 -23.39
N ARG B 187 -7.31 9.71 -23.60
CA ARG B 187 -8.15 8.58 -24.01
C ARG B 187 -8.10 8.33 -25.51
N GLY B 188 -7.16 8.93 -26.21
CA GLY B 188 -6.97 8.65 -27.61
C GLY B 188 -6.29 7.32 -27.84
N SER B 189 -5.90 7.09 -29.09
CA SER B 189 -5.38 5.80 -29.53
C SER B 189 -3.88 5.66 -29.29
N CYS B 190 -3.08 6.57 -29.85
CA CYS B 190 -1.63 6.38 -29.87
C CYS B 190 -0.92 7.73 -29.86
N ASP B 191 0.03 7.89 -28.94
CA ASP B 191 0.86 9.10 -28.90
C ASP B 191 1.93 9.12 -29.97
N TYR B 192 2.30 7.97 -30.53
CA TYR B 192 3.30 7.97 -31.58
C TYR B 192 2.81 8.73 -32.81
N PHE B 193 1.52 8.62 -33.13
CA PHE B 193 0.96 9.38 -34.24
C PHE B 193 1.07 10.87 -33.98
N THR B 194 0.62 11.31 -32.80
CA THR B 194 0.67 12.72 -32.45
C THR B 194 2.09 13.25 -32.50
N LEU B 195 3.05 12.49 -31.96
CA LEU B 195 4.43 12.93 -31.94
C LEU B 195 4.99 13.00 -33.36
N ARG B 196 4.61 12.05 -34.22
CA ARG B 196 5.03 12.12 -35.61
C ARG B 196 4.47 13.35 -36.30
N ILE B 197 3.21 13.71 -35.99
CA ILE B 197 2.61 14.90 -36.59
C ILE B 197 3.36 16.14 -36.12
N LEU B 198 3.61 16.23 -34.82
CA LEU B 198 4.39 17.34 -34.27
C LEU B 198 5.77 17.44 -34.90
N ASP B 199 6.42 16.29 -35.13
CA ASP B 199 7.70 16.28 -35.82
C ASP B 199 7.55 16.85 -37.23
N PHE B 200 6.49 16.45 -37.92
CA PHE B 200 6.27 16.94 -39.28
C PHE B 200 6.15 18.45 -39.29
N LEU B 201 5.40 19.02 -38.35
CA LEU B 201 5.35 20.47 -38.27
C LEU B 201 6.71 21.06 -37.93
N TYR B 202 7.49 20.35 -37.11
CA TYR B 202 8.80 20.85 -36.71
C TYR B 202 9.72 20.98 -37.92
N GLN B 203 9.83 19.93 -38.74
CA GLN B 203 10.70 19.98 -39.92
C GLN B 203 10.27 21.06 -40.89
N ASN B 204 8.98 21.42 -40.92
CA ASN B 204 8.46 22.47 -41.77
C ASN B 204 8.45 23.83 -41.08
N GLN B 205 9.20 23.97 -39.99
CA GLN B 205 9.52 25.28 -39.40
C GLN B 205 8.27 26.02 -38.94
N ILE B 206 7.25 25.28 -38.50
CA ILE B 206 6.02 25.87 -37.98
C ILE B 206 6.18 26.15 -36.50
N ALA B 207 5.78 27.35 -36.09
CA ALA B 207 5.73 27.72 -34.68
C ALA B 207 4.57 27.00 -34.02
N ILE B 208 4.88 26.15 -33.04
CA ILE B 208 3.87 25.43 -32.27
C ILE B 208 4.23 25.54 -30.79
N LYS B 209 3.23 25.81 -29.96
CA LYS B 209 3.38 25.85 -28.51
C LYS B 209 2.35 24.93 -27.88
N ILE B 210 2.79 24.11 -26.93
CA ILE B 210 1.89 23.25 -26.16
C ILE B 210 1.91 23.70 -24.71
N ILE B 211 0.74 23.88 -24.13
CA ILE B 211 0.62 24.13 -22.70
C ILE B 211 0.57 22.80 -21.99
N LEU B 212 1.44 22.61 -21.01
CA LEU B 212 1.46 21.32 -20.33
C LEU B 212 0.25 21.17 -19.42
N SER B 213 -0.22 19.94 -19.34
CA SER B 213 -1.48 19.60 -18.71
C SER B 213 -1.23 18.46 -17.74
N ASN B 214 -2.28 17.94 -17.13
CA ASN B 214 -2.11 16.78 -16.26
C ASN B 214 -1.77 15.53 -17.07
N HIS B 215 -2.52 15.28 -18.16
CA HIS B 215 -2.19 14.15 -19.03
C HIS B 215 -0.79 14.31 -19.63
N GLY B 216 -0.48 15.53 -20.04
CA GLY B 216 0.87 15.86 -20.47
C GLY B 216 1.87 15.43 -19.43
N TYR B 217 1.68 15.84 -18.17
CA TYR B 217 2.65 15.46 -17.15
C TYR B 217 2.74 13.95 -16.99
N GLU B 218 1.64 13.20 -17.13
CA GLU B 218 1.77 11.75 -17.09
C GLU B 218 2.77 11.27 -18.12
N PHE B 219 2.64 11.77 -19.36
CA PHE B 219 3.62 11.47 -20.39
C PHE B 219 5.04 11.87 -19.98
N ILE B 220 5.24 13.13 -19.59
CA ILE B 220 6.58 13.61 -19.26
C ILE B 220 7.21 12.78 -18.15
N HIS B 221 6.41 12.42 -17.15
CA HIS B 221 6.92 11.59 -16.06
C HIS B 221 7.39 10.25 -16.59
N ALA B 222 6.61 9.64 -17.48
CA ALA B 222 7.06 8.39 -18.09
C ALA B 222 8.37 8.58 -18.84
N TYR B 223 8.53 9.72 -19.52
CA TYR B 223 9.74 9.92 -20.31
C TYR B 223 10.96 10.16 -19.44
N GLU B 224 10.80 11.01 -18.41
CA GLU B 224 11.88 11.24 -17.46
C GLU B 224 12.31 9.95 -16.80
N LYS B 225 11.34 9.08 -16.47
CA LYS B 225 11.72 7.76 -15.99
C LYS B 225 12.49 6.99 -17.05
N LEU B 226 12.08 7.12 -18.31
CA LEU B 226 12.74 6.37 -19.38
C LEU B 226 14.21 6.72 -19.49
N VAL B 227 14.52 8.01 -19.64
CA VAL B 227 15.84 8.41 -20.11
C VAL B 227 16.95 8.18 -19.10
N VAL B 228 16.64 8.17 -17.79
CA VAL B 228 17.65 7.81 -16.80
C VAL B 228 17.70 6.31 -16.57
N GLY B 229 16.90 5.53 -17.32
CA GLY B 229 17.09 4.10 -17.36
C GLY B 229 16.04 3.27 -16.67
N GLN B 230 15.10 3.90 -15.96
CA GLN B 230 14.02 3.17 -15.34
C GLN B 230 12.90 2.96 -16.34
N PRO B 231 11.96 2.02 -16.08
CA PRO B 231 10.96 1.68 -17.08
C PRO B 231 10.13 2.88 -17.51
N PHE B 232 9.76 2.89 -18.78
CA PHE B 232 8.92 3.92 -19.38
C PHE B 232 7.49 3.76 -18.87
N LYS B 233 7.26 4.18 -17.63
CA LYS B 233 5.99 3.99 -16.94
C LYS B 233 5.52 5.32 -16.37
N PRO B 234 4.23 5.65 -16.51
CA PRO B 234 3.73 6.97 -16.12
C PRO B 234 3.57 7.11 -14.61
N LYS B 235 3.11 8.30 -14.20
CA LYS B 235 2.93 8.59 -12.78
C LYS B 235 1.86 7.70 -12.18
N GLY B 236 0.67 7.71 -12.76
CA GLY B 236 -0.37 6.81 -12.36
C GLY B 236 -1.49 7.40 -11.53
N TYR B 237 -1.53 8.73 -11.40
CA TYR B 237 -2.73 9.33 -10.80
C TYR B 237 -3.94 9.08 -11.69
N ILE B 238 -3.81 9.31 -13.00
CA ILE B 238 -4.88 9.03 -13.94
C ILE B 238 -4.88 7.55 -14.26
N GLY B 239 -6.06 6.95 -14.31
CA GLY B 239 -6.17 5.54 -14.64
C GLY B 239 -5.63 5.24 -16.04
N ASP B 240 -5.45 3.95 -16.31
CA ASP B 240 -4.75 3.52 -17.51
C ASP B 240 -5.58 3.74 -18.78
N ILE B 241 -6.86 3.39 -18.74
CA ILE B 241 -7.69 3.58 -19.91
C ILE B 241 -7.85 5.06 -20.22
N GLN B 242 -7.62 5.91 -19.22
CA GLN B 242 -7.71 7.35 -19.42
C GLN B 242 -6.38 7.97 -19.86
N ILE B 243 -5.30 7.20 -19.87
CA ILE B 243 -4.04 7.63 -20.47
C ILE B 243 -3.71 6.62 -21.54
N LYS B 244 -4.74 6.13 -22.21
CA LYS B 244 -4.60 4.99 -23.10
C LYS B 244 -3.66 5.25 -24.26
N SER B 245 -3.71 6.45 -24.82
CA SER B 245 -2.83 6.77 -25.96
C SER B 245 -1.37 6.62 -25.58
N PHE B 246 -1.03 6.95 -24.33
CA PHE B 246 0.31 6.69 -23.86
C PHE B 246 0.64 5.21 -24.00
N TRP B 247 -0.26 4.34 -23.53
CA TRP B 247 0.00 2.92 -23.62
C TRP B 247 0.07 2.48 -25.07
N GLY B 248 -0.62 3.19 -25.96
CA GLY B 248 -0.46 2.94 -27.38
C GLY B 248 0.96 3.18 -27.85
N LEU B 249 1.62 4.20 -27.31
CA LEU B 249 3.01 4.42 -27.70
C LEU B 249 3.95 3.42 -27.02
N GLN B 250 3.80 3.30 -25.70
CA GLN B 250 4.57 2.33 -24.94
C GLN B 250 4.52 0.94 -25.56
N LEU B 251 3.39 0.58 -26.17
CA LEU B 251 3.24 -0.77 -26.70
C LEU B 251 4.22 -1.03 -27.83
N LEU B 252 4.37 -0.06 -28.74
CA LEU B 252 5.36 -0.20 -29.81
C LEU B 252 6.77 -0.11 -29.27
N LEU B 253 7.01 0.74 -28.26
CA LEU B 253 8.36 0.81 -27.72
C LEU B 253 8.77 -0.52 -27.11
N GLU B 254 7.87 -1.14 -26.35
CA GLU B 254 8.18 -2.42 -25.73
C GLU B 254 8.31 -3.53 -26.75
N GLN B 255 7.55 -3.49 -27.84
CA GLN B 255 7.58 -4.56 -28.83
C GLN B 255 8.59 -4.32 -29.94
N SER B 256 9.51 -3.38 -29.75
CA SER B 256 10.61 -3.12 -30.68
C SER B 256 10.13 -2.76 -32.08
N VAL B 257 8.82 -2.49 -32.26
CA VAL B 257 8.37 -1.93 -33.51
C VAL B 257 9.04 -0.59 -33.76
N ILE B 258 9.31 0.15 -32.69
CA ILE B 258 10.09 1.35 -32.78
C ILE B 258 11.15 1.35 -31.68
N THR B 259 12.37 1.73 -32.06
CA THR B 259 13.53 1.83 -31.20
C THR B 259 13.40 3.01 -30.24
N GLU B 260 14.17 2.93 -29.15
CA GLU B 260 14.24 4.00 -28.18
C GLU B 260 14.73 5.30 -28.82
N GLU B 261 15.70 5.20 -29.75
CA GLU B 261 16.34 6.41 -30.29
C GLU B 261 15.36 7.26 -31.11
N GLU B 262 14.45 6.64 -31.86
CA GLU B 262 13.45 7.43 -32.58
C GLU B 262 12.51 8.13 -31.59
N LEU B 263 12.03 7.39 -30.60
CA LEU B 263 11.21 7.99 -29.55
C LEU B 263 11.90 9.21 -28.95
N ARG B 264 13.15 9.06 -28.53
CA ARG B 264 13.81 10.16 -27.85
C ARG B 264 14.11 11.32 -28.77
N SER B 265 14.48 11.04 -30.03
CA SER B 265 14.68 12.14 -30.98
C SER B 265 13.39 12.93 -31.17
N LEU B 266 12.28 12.20 -31.36
CA LEU B 266 10.97 12.84 -31.51
C LEU B 266 10.64 13.71 -30.30
N VAL B 267 10.70 13.13 -29.09
CA VAL B 267 10.32 13.89 -27.90
C VAL B 267 11.25 15.07 -27.70
N GLU B 268 12.55 14.83 -27.84
CA GLU B 268 13.55 15.85 -27.54
C GLU B 268 13.40 17.05 -28.46
N ARG B 269 13.24 16.82 -29.76
CA ARG B 269 13.27 17.94 -30.68
C ARG B 269 11.90 18.47 -31.08
N ALA B 270 10.87 17.63 -31.06
CA ALA B 270 9.58 18.00 -31.62
C ALA B 270 8.54 18.38 -30.58
N TYR B 271 8.69 17.95 -29.35
CA TYR B 271 7.66 18.16 -28.33
C TYR B 271 8.18 18.97 -27.15
N LYS B 272 9.28 18.53 -26.54
CA LYS B 272 9.86 19.20 -25.38
C LYS B 272 10.08 20.70 -25.56
N PRO B 273 10.64 21.20 -26.66
CA PRO B 273 10.89 22.66 -26.76
C PRO B 273 9.64 23.47 -26.95
N THR B 274 8.51 22.84 -27.26
CA THR B 274 7.26 23.56 -27.48
C THR B 274 6.53 23.87 -26.19
N LEU B 275 6.88 23.18 -25.10
CA LEU B 275 6.02 23.16 -23.92
C LEU B 275 6.12 24.48 -23.18
N LYS B 276 5.00 25.18 -23.10
CA LYS B 276 4.85 26.31 -22.19
C LYS B 276 4.00 25.85 -21.01
N ILE B 277 3.82 26.74 -20.04
CA ILE B 277 3.16 26.42 -18.79
C ILE B 277 2.10 27.49 -18.59
N ILE B 278 2.41 28.66 -19.13
CA ILE B 278 1.48 29.73 -19.42
C ILE B 278 2.01 30.34 -20.70
N ASP B 279 1.11 30.85 -21.53
CA ASP B 279 1.54 31.58 -22.72
C ASP B 279 0.71 32.85 -22.84
N TYR B 280 1.17 33.74 -23.71
CA TYR B 280 0.57 35.05 -23.86
C TYR B 280 0.78 35.50 -25.30
N SER B 281 -0.21 36.19 -25.87
CA SER B 281 0.05 37.05 -27.01
C SER B 281 -0.26 38.49 -26.57
N LEU B 282 0.38 39.44 -27.22
CA LEU B 282 0.29 40.85 -26.82
C LEU B 282 -0.51 41.62 -27.85
N SER B 283 -1.61 42.22 -27.41
CA SER B 283 -2.38 43.16 -28.21
C SER B 283 -1.89 44.57 -27.91
N GLU B 284 -2.52 45.55 -28.56
CA GLU B 284 -2.09 46.93 -28.39
C GLU B 284 -2.38 47.44 -26.99
N ASP B 285 -3.45 46.94 -26.37
CA ASP B 285 -3.90 47.45 -25.08
C ASP B 285 -3.86 46.42 -23.96
N GLY B 286 -3.31 45.22 -24.17
CA GLY B 286 -3.36 44.26 -23.10
C GLY B 286 -2.72 42.93 -23.44
N ILE B 287 -2.85 42.02 -22.48
CA ILE B 287 -2.25 40.69 -22.51
C ILE B 287 -3.38 39.67 -22.55
N THR B 288 -3.19 38.60 -23.30
CA THR B 288 -4.11 37.48 -23.32
C THR B 288 -3.35 36.23 -22.86
N LEU B 289 -3.87 35.58 -21.82
CA LEU B 289 -3.17 34.52 -21.09
C LEU B 289 -3.67 33.15 -21.52
N TYR B 290 -2.77 32.31 -21.98
CA TYR B 290 -3.12 31.00 -22.52
C TYR B 290 -2.78 29.94 -21.48
N SER B 291 -3.78 29.20 -21.02
CA SER B 291 -3.58 28.19 -19.99
C SER B 291 -4.40 26.95 -20.31
N HIS B 292 -4.10 25.87 -19.58
CA HIS B 292 -4.82 24.60 -19.69
C HIS B 292 -6.05 24.56 -18.80
N ALA B 293 -5.85 24.68 -17.49
CA ALA B 293 -6.99 24.70 -16.59
C ALA B 293 -7.48 26.11 -16.35
N PRO B 294 -8.74 26.28 -15.98
CA PRO B 294 -9.18 27.59 -15.51
C PRO B 294 -8.43 27.95 -14.23
N ILE B 295 -7.83 29.15 -14.22
CA ILE B 295 -6.91 29.55 -13.18
C ILE B 295 -7.16 31.01 -12.80
N ARG B 296 -6.54 31.45 -11.71
CA ARG B 296 -6.62 32.81 -11.21
C ARG B 296 -5.38 33.60 -11.60
N PHE B 297 -5.51 34.92 -11.65
CA PHE B 297 -4.38 35.75 -12.04
C PHE B 297 -3.25 35.65 -11.01
N ASP B 298 -3.59 35.75 -9.72
CA ASP B 298 -2.56 35.72 -8.69
C ASP B 298 -1.74 34.45 -8.74
N SER B 299 -2.35 33.35 -9.20
CA SER B 299 -1.65 32.08 -9.27
C SER B 299 -0.38 32.19 -10.12
N ILE B 300 -0.41 33.02 -11.15
CA ILE B 300 0.80 33.18 -11.97
C ILE B 300 1.97 33.57 -11.09
N ARG B 301 1.75 34.56 -10.21
CA ARG B 301 2.82 35.00 -9.33
C ARG B 301 3.38 33.83 -8.52
N MET B 302 2.51 32.99 -7.95
CA MET B 302 3.07 31.97 -7.07
C MET B 302 3.93 30.98 -7.85
N ALA B 303 3.66 30.81 -9.15
CA ALA B 303 4.54 29.97 -9.95
C ALA B 303 5.96 30.52 -9.94
N ALA B 304 6.10 31.83 -10.20
CA ALA B 304 7.40 32.48 -10.07
C ALA B 304 7.97 32.26 -8.68
N SER B 305 7.14 32.36 -7.65
CA SER B 305 7.59 32.07 -6.30
C SER B 305 8.16 30.65 -6.22
N GLN B 306 7.44 29.67 -6.75
CA GLN B 306 7.97 28.32 -6.67
C GLN B 306 9.22 28.18 -7.51
N LEU B 307 9.37 28.98 -8.57
CA LEU B 307 10.48 28.81 -9.48
C LEU B 307 11.51 29.93 -9.39
N GLY B 308 11.32 30.87 -8.47
CA GLY B 308 12.36 31.85 -8.23
C GLY B 308 12.56 32.84 -9.35
N VAL B 309 11.57 33.03 -10.20
CA VAL B 309 11.63 34.07 -11.23
C VAL B 309 11.16 35.37 -10.61
N THR B 310 11.88 36.46 -10.90
CA THR B 310 11.44 37.77 -10.46
C THR B 310 10.09 38.08 -11.06
N TYR B 311 9.07 38.21 -10.22
CA TYR B 311 7.72 38.51 -10.67
C TYR B 311 7.56 40.02 -10.85
N ASN B 312 7.18 40.43 -12.05
CA ASN B 312 6.87 41.82 -12.36
C ASN B 312 5.69 41.82 -13.32
N ASP B 313 4.63 42.52 -12.95
CA ASP B 313 3.42 42.65 -13.75
C ASP B 313 2.97 44.10 -13.87
N SER B 314 3.88 45.05 -13.62
CA SER B 314 3.52 46.46 -13.69
C SER B 314 2.98 46.82 -15.06
N THR B 315 3.55 46.25 -16.12
CA THR B 315 3.10 46.46 -17.49
C THR B 315 2.84 45.11 -18.13
N LYS B 316 2.04 45.11 -19.21
CA LYS B 316 1.79 43.87 -19.94
C LYS B 316 3.08 43.27 -20.48
N GLU B 317 4.10 44.10 -20.69
CA GLU B 317 5.41 43.62 -21.13
C GLU B 317 6.22 43.06 -19.99
N ALA B 318 6.11 43.65 -18.80
CA ALA B 318 6.69 43.03 -17.61
C ALA B 318 6.08 41.65 -17.39
N LEU B 319 4.76 41.55 -17.45
CA LEU B 319 4.12 40.26 -17.29
C LEU B 319 4.57 39.31 -18.41
N ALA B 320 4.78 39.85 -19.61
CA ALA B 320 5.26 39.04 -20.72
C ALA B 320 6.64 38.46 -20.44
N GLU B 321 7.58 39.30 -20.01
CA GLU B 321 8.96 38.83 -19.84
C GLU B 321 9.07 37.89 -18.63
N THR B 322 8.35 38.21 -17.55
CA THR B 322 8.29 37.30 -16.41
C THR B 322 7.83 35.93 -16.85
N ILE B 323 6.74 35.88 -17.63
CA ILE B 323 6.26 34.61 -18.19
C ILE B 323 7.33 33.93 -19.04
N ASP B 324 8.09 34.73 -19.81
CA ASP B 324 9.16 34.16 -20.62
C ASP B 324 10.21 33.47 -19.76
N GLN B 325 10.58 34.08 -18.62
CA GLN B 325 11.57 33.43 -17.77
C GLN B 325 10.96 32.26 -16.99
N LEU B 326 9.67 32.30 -16.69
CA LEU B 326 8.95 31.11 -16.25
C LEU B 326 9.25 29.94 -17.18
N ASN B 327 9.00 30.15 -18.47
CA ASN B 327 9.14 29.04 -19.41
C ASN B 327 10.59 28.67 -19.64
N ALA B 328 11.49 29.66 -19.59
CA ALA B 328 12.92 29.36 -19.65
C ALA B 328 13.32 28.42 -18.52
N GLN B 329 12.89 28.74 -17.30
CA GLN B 329 13.12 27.82 -16.18
C GLN B 329 12.53 26.44 -16.46
N LEU B 330 11.32 26.39 -17.02
CA LEU B 330 10.75 25.06 -17.27
C LEU B 330 11.61 24.30 -18.25
N GLN B 331 12.21 25.00 -19.22
CA GLN B 331 13.10 24.33 -20.16
C GLN B 331 14.35 23.84 -19.44
N ILE B 332 14.79 24.56 -18.42
CA ILE B 332 15.82 24.00 -17.52
C ILE B 332 15.33 22.66 -16.98
N TYR B 333 14.08 22.61 -16.54
CA TYR B 333 13.56 21.38 -15.93
C TYR B 333 13.42 20.24 -16.93
N MET B 334 13.17 20.55 -18.21
CA MET B 334 13.10 19.52 -19.24
C MET B 334 14.48 19.03 -19.66
N LYS B 335 15.40 19.97 -19.95
CA LYS B 335 16.76 19.61 -20.34
C LYS B 335 17.41 18.70 -19.31
N ASN B 336 17.03 18.84 -18.04
CA ASN B 336 17.54 17.98 -16.98
C ASN B 336 16.56 16.90 -16.57
N ASN B 337 15.39 16.82 -17.23
CA ASN B 337 14.42 15.75 -17.02
C ASN B 337 14.01 15.64 -15.56
N MET B 338 13.53 16.74 -15.00
CA MET B 338 13.20 16.79 -13.59
C MET B 338 11.90 17.54 -13.35
N LEU B 339 11.00 17.56 -14.33
CA LEU B 339 9.71 18.21 -14.12
C LEU B 339 8.90 17.54 -13.01
N HIS B 340 9.17 16.26 -12.73
CA HIS B 340 8.42 15.57 -11.69
C HIS B 340 8.59 16.25 -10.34
N LEU B 341 9.72 16.92 -10.12
CA LEU B 341 9.95 17.60 -8.85
C LEU B 341 8.95 18.73 -8.62
N LEU B 342 8.32 19.23 -9.68
CA LEU B 342 7.33 20.27 -9.54
C LEU B 342 5.91 19.72 -9.53
N PHE B 343 5.75 18.40 -9.75
CA PHE B 343 4.43 17.81 -9.90
C PHE B 343 4.19 16.64 -8.95
N GLU B 344 5.12 16.35 -8.06
CA GLU B 344 4.98 15.30 -7.06
C GLU B 344 4.85 15.96 -5.69
N ASN B 345 3.64 15.91 -5.13
CA ASN B 345 3.37 16.48 -3.81
C ASN B 345 2.15 15.74 -3.25
N ASN B 346 2.42 14.66 -2.50
CA ASN B 346 1.36 13.78 -2.01
C ASN B 346 0.60 14.38 -0.83
N GLU B 347 1.06 15.49 -0.27
CA GLU B 347 0.34 16.11 0.85
C GLU B 347 -0.93 16.83 0.41
N ILE B 348 -1.11 17.07 -0.87
CA ILE B 348 -2.29 17.79 -1.35
C ILE B 348 -3.48 16.87 -1.30
N ASN B 349 -4.51 17.27 -0.55
CA ASN B 349 -5.74 16.49 -0.47
C ASN B 349 -6.40 16.38 -1.84
N ASP B 350 -6.59 17.51 -2.52
CA ASP B 350 -7.40 17.44 -3.73
C ASP B 350 -6.99 18.44 -4.80
N PRO B 351 -6.39 17.98 -5.90
CA PRO B 351 -5.89 18.92 -6.93
C PRO B 351 -6.98 19.65 -7.70
N THR B 352 -8.21 19.13 -7.78
CA THR B 352 -9.24 19.92 -8.47
C THR B 352 -9.63 21.15 -7.64
N ASN B 353 -9.58 21.05 -6.32
CA ASN B 353 -9.97 22.15 -5.45
C ASN B 353 -8.87 22.36 -4.41
N MET B 354 -7.77 22.96 -4.85
CA MET B 354 -6.62 23.19 -4.00
C MET B 354 -6.82 24.43 -3.14
N THR B 355 -6.49 24.30 -1.86
CA THR B 355 -6.54 25.42 -0.95
C THR B 355 -5.41 26.39 -1.27
N ASP B 356 -5.47 27.56 -0.64
CA ASP B 356 -4.49 28.61 -0.92
C ASP B 356 -3.07 28.15 -0.58
N GLU B 357 -2.89 27.53 0.59
CA GLU B 357 -1.56 27.04 0.95
C GLU B 357 -1.10 25.96 -0.02
N GLU B 358 -2.03 25.14 -0.51
CA GLU B 358 -1.67 24.10 -1.47
C GLU B 358 -1.22 24.70 -2.80
N ARG B 359 -1.93 25.70 -3.32
CA ARG B 359 -1.47 26.26 -4.59
C ARG B 359 -0.26 27.15 -4.44
N ASN B 360 -0.02 27.75 -3.28
CA ASN B 360 1.28 28.38 -3.06
C ASN B 360 2.37 27.36 -2.90
N ALA B 361 2.03 26.17 -2.39
CA ALA B 361 3.00 25.10 -2.24
C ALA B 361 3.33 24.42 -3.56
N SER B 362 2.31 24.13 -4.37
CA SER B 362 2.49 23.48 -5.67
C SER B 362 1.63 24.19 -6.70
N PRO B 363 2.08 25.33 -7.21
CA PRO B 363 1.22 26.12 -8.10
C PRO B 363 1.00 25.47 -9.45
N LEU B 364 1.96 24.72 -9.96
CA LEU B 364 1.79 24.16 -11.29
C LEU B 364 0.82 22.98 -11.28
N ILE B 365 0.77 22.25 -10.17
CA ILE B 365 -0.26 21.24 -10.02
C ILE B 365 -1.64 21.87 -10.12
N TYR B 366 -1.83 22.98 -9.40
CA TYR B 366 -3.03 23.79 -9.58
C TYR B 366 -3.24 24.15 -11.05
N LEU B 367 -2.17 24.60 -11.73
CA LEU B 367 -2.31 25.08 -13.10
C LEU B 367 -2.84 24.00 -14.03
N VAL B 368 -2.44 22.73 -13.82
CA VAL B 368 -2.87 21.68 -14.73
C VAL B 368 -4.10 20.90 -14.24
N TRP B 369 -4.52 21.09 -12.99
CA TRP B 369 -5.60 20.28 -12.44
C TRP B 369 -6.86 21.05 -12.07
N ASN B 370 -6.79 22.36 -11.91
CA ASN B 370 -7.88 23.09 -11.27
C ASN B 370 -9.14 23.05 -12.11
N ARG B 371 -10.27 22.79 -11.46
CA ARG B 371 -11.58 22.84 -12.10
C ARG B 371 -12.34 24.03 -11.52
N TRP B 372 -12.94 24.82 -12.39
CA TRP B 372 -13.70 25.97 -11.95
C TRP B 372 -15.13 25.58 -11.61
N ASN B 373 -15.73 26.31 -10.68
CA ASN B 373 -17.13 26.12 -10.33
C ASN B 373 -17.72 27.46 -9.94
N GLU B 374 -19.00 27.44 -9.56
CA GLU B 374 -19.72 28.68 -9.27
C GLU B 374 -19.02 29.49 -8.18
N SER B 375 -18.51 28.82 -7.15
CA SER B 375 -17.94 29.54 -6.01
C SER B 375 -16.64 30.23 -6.37
N LYS B 376 -15.81 29.61 -7.21
CA LYS B 376 -14.50 30.15 -7.52
C LYS B 376 -14.55 31.44 -8.32
N GLU B 377 -15.64 31.69 -9.05
CA GLU B 377 -15.72 32.90 -9.86
C GLU B 377 -16.04 34.07 -8.93
N VAL B 378 -15.01 34.80 -8.54
CA VAL B 378 -15.14 35.98 -7.68
C VAL B 378 -14.48 37.15 -8.40
N GLU B 379 -14.90 38.37 -8.04
CA GLU B 379 -14.42 39.54 -8.75
C GLU B 379 -12.90 39.63 -8.69
N ASN B 380 -12.33 39.17 -7.59
CA ASN B 380 -10.89 39.16 -7.43
C ASN B 380 -10.20 38.14 -8.34
N ALA B 381 -10.93 37.11 -8.80
CA ALA B 381 -10.29 35.93 -9.37
C ALA B 381 -9.63 36.22 -10.73
N ARG B 382 -10.39 36.82 -11.65
CA ARG B 382 -9.94 37.01 -13.03
C ARG B 382 -10.40 38.40 -13.48
N PRO B 383 -9.63 39.43 -13.16
CA PRO B 383 -10.00 40.79 -13.59
C PRO B 383 -9.73 41.00 -15.08
N GLY B 384 -10.63 41.74 -15.73
CA GLY B 384 -10.49 42.00 -17.15
C GLY B 384 -9.48 43.06 -17.49
N LYS B 385 -9.26 44.02 -16.59
CA LYS B 385 -8.20 45.01 -16.74
C LYS B 385 -7.45 45.09 -15.42
N TYR B 386 -6.13 45.09 -15.51
CA TYR B 386 -5.29 45.05 -14.32
C TYR B 386 -4.03 45.86 -14.59
N ASN B 387 -3.68 46.72 -13.63
CA ASN B 387 -2.67 47.76 -13.82
C ASN B 387 -3.12 48.57 -15.02
N GLY B 388 -2.31 48.73 -16.07
CA GLY B 388 -2.76 49.55 -17.18
C GLY B 388 -3.09 48.77 -18.44
N TYR B 389 -3.49 47.51 -18.29
CA TYR B 389 -3.67 46.68 -19.46
C TYR B 389 -4.79 45.68 -19.25
N PHE B 390 -5.50 45.40 -20.34
CA PHE B 390 -6.54 44.37 -20.31
C PHE B 390 -5.93 43.00 -20.17
N VAL B 391 -6.70 42.09 -19.58
CA VAL B 391 -6.32 40.69 -19.46
C VAL B 391 -7.46 39.86 -20.01
N THR B 392 -7.15 39.00 -20.97
CA THR B 392 -8.11 38.04 -21.47
C THR B 392 -7.58 36.63 -21.21
N TYR B 393 -8.45 35.77 -20.71
CA TYR B 393 -8.07 34.40 -20.38
C TYR B 393 -8.68 33.42 -21.36
N VAL B 394 -7.93 32.36 -21.63
CA VAL B 394 -8.29 31.29 -22.51
C VAL B 394 -7.83 30.07 -21.75
N HIS B 395 -8.55 28.98 -21.93
CA HIS B 395 -8.18 27.72 -21.29
C HIS B 395 -8.87 26.51 -21.91
N GLY B 396 -8.17 25.38 -21.78
CA GLY B 396 -8.67 24.08 -22.17
C GLY B 396 -10.03 23.80 -21.62
N HIS B 397 -10.67 22.82 -22.22
CA HIS B 397 -12.07 22.57 -21.92
C HIS B 397 -12.27 22.28 -20.44
N ASP B 398 -13.36 22.82 -19.87
CA ASP B 398 -13.79 22.54 -18.51
C ASP B 398 -15.29 22.77 -18.46
N PRO B 399 -16.06 21.83 -17.91
CA PRO B 399 -17.53 21.95 -17.93
C PRO B 399 -18.11 23.28 -17.49
N PHE B 400 -17.57 23.93 -16.45
CA PHE B 400 -18.15 25.20 -16.02
C PHE B 400 -17.98 26.23 -17.13
N GLN B 401 -18.96 27.11 -17.25
CA GLN B 401 -18.97 28.13 -18.29
C GLN B 401 -19.06 29.50 -17.65
N SER B 402 -18.02 30.27 -17.78
CA SER B 402 -18.00 31.60 -17.23
C SER B 402 -18.71 32.59 -18.15
N PRO B 403 -19.37 33.60 -17.59
CA PRO B 403 -20.02 34.62 -18.42
C PRO B 403 -19.16 35.83 -18.76
N LEU B 404 -17.93 35.95 -18.25
CA LEU B 404 -17.16 37.15 -18.52
C LEU B 404 -16.69 37.17 -19.97
N THR B 405 -16.82 38.33 -20.62
CA THR B 405 -16.50 38.47 -22.02
C THR B 405 -15.02 38.30 -22.33
N TYR B 406 -14.16 38.22 -21.31
CA TYR B 406 -12.73 38.03 -21.52
C TYR B 406 -12.26 36.66 -21.04
N VAL B 407 -13.19 35.74 -20.79
CA VAL B 407 -12.85 34.36 -20.43
C VAL B 407 -13.42 33.45 -21.53
N TYR B 408 -12.53 32.69 -22.17
CA TYR B 408 -12.91 31.79 -23.25
C TYR B 408 -12.49 30.37 -22.86
N ASN B 409 -13.46 29.46 -22.81
CA ASN B 409 -13.26 28.05 -22.48
C ASN B 409 -13.40 27.24 -23.76
N LEU B 410 -12.28 26.94 -24.40
CA LEU B 410 -12.29 26.32 -25.71
C LEU B 410 -12.76 24.86 -25.64
N ASP B 411 -13.34 24.40 -26.74
CA ASP B 411 -13.79 23.02 -26.85
C ASP B 411 -14.17 22.67 -28.30
#